data_6YR6
#
_entry.id   6YR6
#
_cell.length_a   63.225
_cell.length_b   74.569
_cell.length_c   77.973
_cell.angle_alpha   98.430
_cell.angle_beta   111.090
_cell.angle_gamma   93.120
#
_symmetry.space_group_name_H-M   'P 1'
#
loop_
_entity.id
_entity.type
_entity.pdbx_description
1 polymer '14-3-3 protein sigma'
2 polymer hDM2-186
3 non-polymer 'IODIDE ION'
4 non-polymer 2-[3-(2-HYDROXY-1,1-DIHYDROXYMETHYL-ETHYLAMINO)-PROPYLAMINO]-2-HYDROXYMETHYL-PROPANE-1,3-DIOL
5 water water
#
loop_
_entity_poly.entity_id
_entity_poly.type
_entity_poly.pdbx_seq_one_letter_code
_entity_poly.pdbx_strand_id
1 'polypeptide(L)'
;GAMGSMERASLIQKAKLAEQAERYEDMAAFMKGAVEKGEELSCEERNLLSVAYKNVVGGQRAAWRVLSSIEQKSNEEGSE
EKGPEVREYREKVETELQGVCDTVLGLLDSHLIKEAGDAESRVFYLKMKGDYYRYLAEVATGDDKKRIIDSARSAYQEAM
DISKKEMPPTNPIRLGLALNFSVFHYEIANSPEEAISLAKTTFDEAMADLHTLSEDSYKDSTLIMQLLRDNLTLWT
;
A,C,E,G
2 'polypeptide(L)' QRKRHK(SEP)DSISLS B,D,F,H
#
loop_
_chem_comp.id
_chem_comp.type
_chem_comp.name
_chem_comp.formula
B3P non-polymer 2-[3-(2-HYDROXY-1,1-DIHYDROXYMETHYL-ETHYLAMINO)-PROPYLAMINO]-2-HYDROXYMETHYL-PROPANE-1,3-DIOL 'C11 H26 N2 O6'
IOD non-polymer 'IODIDE ION' 'I -1'
#
# COMPACT_ATOMS: atom_id res chain seq x y z
N GLY A 1 -5.31 -7.82 12.16
CA GLY A 1 -4.68 -6.96 11.10
C GLY A 1 -3.20 -6.75 11.32
N ALA A 2 -2.64 -5.72 10.67
CA ALA A 2 -1.22 -5.46 10.74
C ALA A 2 -0.76 -5.06 12.14
N MET A 3 -1.67 -4.55 12.98
CA MET A 3 -1.33 -4.14 14.33
C MET A 3 -1.64 -5.23 15.35
N GLY A 4 -2.04 -6.41 14.89
CA GLY A 4 -2.57 -7.43 15.79
C GLY A 4 -1.54 -7.97 16.77
N SER A 5 -0.26 -7.88 16.43
CA SER A 5 0.78 -8.38 17.32
C SER A 5 1.32 -7.34 18.29
N MET A 6 0.82 -6.11 18.23
CA MET A 6 1.32 -5.03 19.07
C MET A 6 0.42 -4.81 20.28
N GLU A 7 1.06 -4.60 21.42
CA GLU A 7 0.37 -4.25 22.66
C GLU A 7 -0.48 -2.98 22.49
N ARG A 8 -1.67 -3.01 23.08
CA ARG A 8 -2.54 -1.83 23.06
C ARG A 8 -1.82 -0.60 23.57
N ALA A 9 -1.09 -0.74 24.69
CA ALA A 9 -0.41 0.42 25.26
C ALA A 9 0.64 0.96 24.31
N SER A 10 1.33 0.07 23.59
CA SER A 10 2.34 0.51 22.63
C SER A 10 1.72 1.18 21.42
N LEU A 11 0.53 0.72 21.00
CA LEU A 11 -0.18 1.38 19.90
C LEU A 11 -0.58 2.80 20.29
N ILE A 12 -1.04 3.00 21.52
CA ILE A 12 -1.42 4.34 21.97
C ILE A 12 -0.20 5.26 22.02
N GLN A 13 0.92 4.77 22.56
N GLN A 13 0.94 4.78 22.53
CA GLN A 13 2.15 5.55 22.59
CA GLN A 13 2.13 5.65 22.58
C GLN A 13 2.56 5.97 21.18
C GLN A 13 2.63 5.97 21.18
N LYS A 14 2.56 5.02 20.26
CA LYS A 14 3.00 5.29 18.90
C LYS A 14 2.04 6.24 18.19
N ALA A 15 0.74 6.18 18.51
CA ALA A 15 -0.19 7.18 17.99
C ALA A 15 0.22 8.57 18.45
N LYS A 16 0.64 8.71 19.70
CA LYS A 16 1.06 10.01 20.21
C LYS A 16 2.36 10.48 19.56
N LEU A 17 3.27 9.55 19.29
CA LEU A 17 4.50 9.91 18.58
C LEU A 17 4.19 10.35 17.16
N ALA A 18 3.29 9.63 16.47
CA ALA A 18 2.92 9.99 15.11
C ALA A 18 2.29 11.37 15.06
N GLU A 19 1.45 11.70 16.05
CA GLU A 19 0.88 13.04 16.12
C GLU A 19 1.98 14.08 16.24
N GLN A 20 2.97 13.83 17.12
CA GLN A 20 4.07 14.76 17.27
C GLN A 20 4.83 14.95 15.96
N ALA A 21 4.98 13.88 15.18
CA ALA A 21 5.65 13.94 13.90
C ALA A 21 4.73 14.37 12.77
N GLU A 22 3.47 14.70 13.08
CA GLU A 22 2.48 15.10 12.08
C GLU A 22 2.33 14.03 10.99
N ARG A 23 2.36 12.76 11.41
CA ARG A 23 2.17 11.63 10.51
C ARG A 23 0.78 11.04 10.77
N TYR A 24 -0.25 11.68 10.22
CA TYR A 24 -1.61 11.38 10.66
C TYR A 24 -2.12 10.07 10.09
N GLU A 25 -1.63 9.65 8.92
CA GLU A 25 -1.98 8.34 8.39
C GLU A 25 -1.49 7.24 9.32
N ASP A 26 -0.23 7.33 9.75
CA ASP A 26 0.28 6.42 10.77
C ASP A 26 -0.53 6.50 12.06
N MET A 27 -0.83 7.72 12.51
CA MET A 27 -1.57 7.90 13.75
C MET A 27 -2.91 7.18 13.69
N ALA A 28 -3.62 7.32 12.57
CA ALA A 28 -4.90 6.66 12.41
C ALA A 28 -4.76 5.14 12.42
N ALA A 29 -3.72 4.62 11.77
CA ALA A 29 -3.52 3.17 11.74
C ALA A 29 -3.23 2.61 13.13
N PHE A 30 -2.41 3.32 13.90
CA PHE A 30 -2.15 2.92 15.28
C PHE A 30 -3.45 2.93 16.10
N MET A 31 -4.24 4.00 15.99
CA MET A 31 -5.48 4.06 16.77
C MET A 31 -6.48 3.00 16.31
N LYS A 32 -6.53 2.71 15.00
CA LYS A 32 -7.37 1.62 14.52
C LYS A 32 -6.97 0.31 15.18
N GLY A 33 -5.67 0.03 15.25
CA GLY A 33 -5.23 -1.16 15.95
C GLY A 33 -5.64 -1.17 17.40
N ALA A 34 -5.58 -0.01 18.07
CA ALA A 34 -6.00 0.05 19.47
C ALA A 34 -7.49 -0.24 19.61
N VAL A 35 -8.32 0.35 18.75
CA VAL A 35 -9.76 0.08 18.81
C VAL A 35 -10.04 -1.41 18.63
N GLU A 36 -9.32 -2.05 17.70
CA GLU A 36 -9.54 -3.45 17.39
C GLU A 36 -9.16 -4.38 18.53
N LYS A 37 -8.52 -3.87 19.60
CA LYS A 37 -8.30 -4.70 20.77
C LYS A 37 -9.59 -5.00 21.50
N GLY A 38 -10.63 -4.21 21.26
CA GLY A 38 -11.96 -4.48 21.78
C GLY A 38 -12.31 -3.72 23.04
N GLU A 39 -11.33 -3.12 23.70
CA GLU A 39 -11.58 -2.37 24.92
C GLU A 39 -12.07 -0.97 24.61
N GLU A 40 -12.83 -0.40 25.53
CA GLU A 40 -13.34 0.95 25.35
C GLU A 40 -12.19 1.96 25.30
N LEU A 41 -12.44 3.07 24.62
CA LEU A 41 -11.49 4.17 24.61
C LEU A 41 -11.82 5.18 25.70
N SER A 42 -10.79 5.67 26.38
CA SER A 42 -10.94 6.80 27.27
C SER A 42 -11.25 8.06 26.48
N CYS A 43 -11.62 9.12 27.18
N CYS A 43 -11.61 9.13 27.18
CA CYS A 43 -11.83 10.41 26.52
CA CYS A 43 -11.83 10.41 26.51
C CYS A 43 -10.58 10.83 25.75
C CYS A 43 -10.58 10.83 25.74
N GLU A 44 -9.40 10.69 26.36
CA GLU A 44 -8.16 11.07 25.68
C GLU A 44 -7.95 10.22 24.45
N GLU A 45 -8.27 8.93 24.53
CA GLU A 45 -8.05 8.03 23.40
C GLU A 45 -9.06 8.29 22.29
N ARG A 46 -10.33 8.54 22.63
N ARG A 46 -10.32 8.57 22.64
CA ARG A 46 -11.31 8.92 21.62
CA ARG A 46 -11.31 8.91 21.62
C ARG A 46 -10.79 10.09 20.80
C ARG A 46 -10.88 10.13 20.82
N ASN A 47 -10.23 11.08 21.48
CA ASN A 47 -9.82 12.30 20.81
C ASN A 47 -8.60 12.07 19.93
N LEU A 48 -7.68 11.18 20.34
CA LEU A 48 -6.61 10.78 19.44
C LEU A 48 -7.18 10.15 18.17
N LEU A 49 -8.14 9.24 18.32
CA LEU A 49 -8.76 8.62 17.16
C LEU A 49 -9.39 9.67 16.24
N SER A 50 -10.15 10.60 16.83
CA SER A 50 -10.84 11.60 16.02
C SER A 50 -9.86 12.55 15.33
N VAL A 51 -8.82 12.98 16.05
CA VAL A 51 -7.84 13.89 15.45
C VAL A 51 -7.12 13.22 14.29
N ALA A 52 -6.76 11.94 14.45
CA ALA A 52 -6.04 11.24 13.40
C ALA A 52 -6.87 11.19 12.11
N TYR A 53 -8.09 10.68 12.21
CA TYR A 53 -8.90 10.50 11.00
C TYR A 53 -9.42 11.82 10.45
N LYS A 54 -9.65 12.82 11.31
CA LYS A 54 -10.08 14.13 10.83
C LYS A 54 -8.99 14.79 9.99
N ASN A 55 -7.73 14.64 10.39
CA ASN A 55 -6.63 15.17 9.59
C ASN A 55 -6.52 14.44 8.26
N VAL A 56 -6.66 13.11 8.28
CA VAL A 56 -6.55 12.34 7.04
C VAL A 56 -7.66 12.72 6.08
N VAL A 57 -8.92 12.60 6.52
CA VAL A 57 -10.04 12.91 5.64
C VAL A 57 -10.05 14.39 5.30
N GLY A 58 -9.56 15.25 6.20
CA GLY A 58 -9.55 16.68 5.92
C GLY A 58 -8.69 17.04 4.72
N GLY A 59 -7.50 16.44 4.64
CA GLY A 59 -6.65 16.66 3.48
C GLY A 59 -7.27 16.14 2.20
N GLN A 60 -7.95 14.99 2.29
CA GLN A 60 -8.60 14.42 1.11
C GLN A 60 -9.76 15.31 0.66
N ARG A 61 -10.57 15.78 1.61
CA ARG A 61 -11.64 16.71 1.26
C ARG A 61 -11.07 17.97 0.60
N ALA A 62 -10.00 18.52 1.16
CA ALA A 62 -9.43 19.74 0.60
C ALA A 62 -8.94 19.51 -0.83
N ALA A 63 -8.28 18.37 -1.07
CA ALA A 63 -7.81 18.07 -2.42
C ALA A 63 -8.99 17.84 -3.36
N TRP A 64 -10.03 17.16 -2.89
CA TRP A 64 -11.21 16.92 -3.72
C TRP A 64 -11.85 18.24 -4.11
N ARG A 65 -11.92 19.21 -3.19
CA ARG A 65 -12.50 20.50 -3.48
C ARG A 65 -11.68 21.24 -4.52
N VAL A 66 -10.35 21.21 -4.39
CA VAL A 66 -9.47 21.82 -5.39
C VAL A 66 -9.75 21.22 -6.77
N LEU A 67 -9.77 19.89 -6.86
CA LEU A 67 -9.90 19.23 -8.15
C LEU A 67 -11.31 19.39 -8.72
N SER A 68 -12.34 19.29 -7.88
CA SER A 68 -13.70 19.50 -8.36
C SER A 68 -13.86 20.90 -8.95
N SER A 69 -13.26 21.90 -8.31
CA SER A 69 -13.35 23.26 -8.82
C SER A 69 -12.66 23.40 -10.16
N ILE A 70 -11.46 22.83 -10.30
CA ILE A 70 -10.80 22.80 -11.61
C ILE A 70 -11.67 22.06 -12.62
N GLU A 71 -12.31 20.97 -12.18
CA GLU A 71 -13.18 20.22 -13.08
C GLU A 71 -14.39 21.05 -13.51
N GLN A 72 -14.91 21.89 -12.61
CA GLN A 72 -16.14 22.63 -12.91
C GLN A 72 -15.87 23.75 -13.91
N LYS A 73 -14.71 24.40 -13.80
CA LYS A 73 -14.37 25.43 -14.78
C LYS A 73 -14.10 24.83 -16.14
N SER A 74 -13.43 23.67 -16.17
CA SER A 74 -13.10 23.02 -17.44
C SER A 74 -14.31 22.42 -18.13
N ASN A 75 -15.45 22.33 -17.45
CA ASN A 75 -16.66 21.74 -18.04
C ASN A 75 -17.60 22.83 -18.53
N GLU A 76 -18.24 23.54 -17.59
CA GLU A 76 -19.27 24.51 -17.97
C GLU A 76 -18.65 25.76 -18.57
N GLU A 77 -17.68 26.37 -17.89
CA GLU A 77 -17.11 27.64 -18.33
C GLU A 77 -16.52 27.52 -19.73
N GLY A 78 -15.60 26.58 -19.92
CA GLY A 78 -14.93 26.42 -21.20
C GLY A 78 -15.29 25.11 -21.88
N GLY A 83 -9.64 16.94 -21.95
CA GLY A 83 -9.45 15.51 -21.83
C GLY A 83 -9.95 14.96 -20.51
N PRO A 84 -9.80 13.66 -20.29
CA PRO A 84 -10.38 13.03 -19.11
C PRO A 84 -9.55 13.14 -17.85
N GLU A 85 -8.39 13.81 -17.89
CA GLU A 85 -7.42 13.68 -16.80
C GLU A 85 -7.92 14.26 -15.49
N VAL A 86 -8.52 15.45 -15.51
CA VAL A 86 -8.96 16.06 -14.26
C VAL A 86 -10.04 15.20 -13.61
N ARG A 87 -11.01 14.72 -14.40
CA ARG A 87 -12.04 13.85 -13.86
C ARG A 87 -11.44 12.59 -13.28
N GLU A 88 -10.51 11.96 -14.00
CA GLU A 88 -9.92 10.71 -13.54
C GLU A 88 -9.23 10.90 -12.18
N TYR A 89 -8.46 11.98 -12.04
CA TYR A 89 -7.73 12.18 -10.80
C TYR A 89 -8.66 12.59 -9.67
N ARG A 90 -9.66 13.42 -9.97
CA ARG A 90 -10.70 13.70 -8.97
C ARG A 90 -11.38 12.41 -8.51
N GLU A 91 -11.65 11.49 -9.45
CA GLU A 91 -12.26 10.21 -9.10
C GLU A 91 -11.33 9.38 -8.20
N LYS A 92 -10.02 9.44 -8.47
CA LYS A 92 -9.05 8.73 -7.64
C LYS A 92 -9.08 9.26 -6.21
N VAL A 93 -9.03 10.58 -6.04
CA VAL A 93 -9.06 11.18 -4.72
C VAL A 93 -10.38 10.87 -4.03
N GLU A 94 -11.48 10.93 -4.79
CA GLU A 94 -12.80 10.62 -4.26
C GLU A 94 -12.85 9.20 -3.72
N THR A 95 -12.33 8.22 -4.46
CA THR A 95 -12.40 6.84 -4.01
C THR A 95 -11.54 6.62 -2.78
N GLU A 96 -10.39 7.30 -2.69
CA GLU A 96 -9.57 7.19 -1.49
C GLU A 96 -10.30 7.79 -0.29
N LEU A 97 -10.95 8.94 -0.49
CA LEU A 97 -11.73 9.59 0.56
C LEU A 97 -12.85 8.66 1.05
N GLN A 98 -13.58 8.07 0.10
CA GLN A 98 -14.65 7.13 0.48
C GLN A 98 -14.10 5.95 1.27
N GLY A 99 -12.89 5.48 0.91
CA GLY A 99 -12.31 4.37 1.63
C GLY A 99 -12.01 4.70 3.08
N VAL A 100 -11.54 5.91 3.35
CA VAL A 100 -11.26 6.32 4.72
C VAL A 100 -12.57 6.44 5.52
N CYS A 101 -13.59 7.05 4.93
CA CYS A 101 -14.88 7.14 5.60
C CYS A 101 -15.43 5.75 5.90
N ASP A 102 -15.31 4.83 4.94
CA ASP A 102 -15.78 3.47 5.16
C ASP A 102 -15.01 2.79 6.30
N THR A 103 -13.71 3.07 6.41
CA THR A 103 -12.93 2.54 7.51
C THR A 103 -13.43 3.05 8.86
N VAL A 104 -13.63 4.37 8.95
CA VAL A 104 -14.10 4.96 10.21
C VAL A 104 -15.50 4.47 10.55
N LEU A 105 -16.42 4.51 9.58
CA LEU A 105 -17.77 4.02 9.85
C LEU A 105 -17.77 2.55 10.28
N GLY A 106 -16.86 1.76 9.71
CA GLY A 106 -16.77 0.37 10.11
C GLY A 106 -16.26 0.19 11.52
N LEU A 107 -15.28 1.00 11.92
CA LEU A 107 -14.79 0.98 13.29
C LEU A 107 -15.89 1.35 14.26
N LEU A 108 -16.67 2.37 13.92
CA LEU A 108 -17.75 2.81 14.79
C LEU A 108 -18.80 1.71 14.94
N ASP A 109 -19.20 1.11 13.84
CA ASP A 109 -20.25 0.11 13.90
C ASP A 109 -19.77 -1.17 14.57
N SER A 110 -18.55 -1.61 14.25
CA SER A 110 -18.08 -2.91 14.74
C SER A 110 -17.58 -2.84 16.17
N HIS A 111 -17.08 -1.68 16.63
CA HIS A 111 -16.35 -1.67 17.90
C HIS A 111 -16.81 -0.62 18.90
N LEU A 112 -17.25 0.55 18.46
CA LEU A 112 -17.34 1.70 19.35
C LEU A 112 -18.76 2.12 19.71
N ILE A 113 -19.71 2.05 18.78
CA ILE A 113 -21.10 2.42 19.07
C ILE A 113 -21.76 1.25 19.79
N LYS A 114 -22.22 1.50 21.03
CA LYS A 114 -22.90 0.47 21.80
C LYS A 114 -23.83 1.14 22.82
N GLU A 115 -24.64 0.31 23.50
CA GLU A 115 -25.59 0.84 24.48
C GLU A 115 -24.90 1.20 25.79
N ALA A 116 -23.76 0.58 26.07
CA ALA A 116 -23.00 0.82 27.28
C ALA A 116 -22.31 2.18 27.21
N GLY A 117 -21.73 2.58 28.34
CA GLY A 117 -20.95 3.79 28.43
C GLY A 117 -21.78 5.00 28.82
N ASP A 118 -21.09 6.07 29.19
CA ASP A 118 -21.78 7.28 29.60
C ASP A 118 -22.32 8.03 28.39
N ALA A 119 -23.14 9.05 28.65
CA ALA A 119 -23.80 9.75 27.56
C ALA A 119 -22.79 10.44 26.66
N GLU A 120 -21.71 10.96 27.26
CA GLU A 120 -20.68 11.66 26.50
C GLU A 120 -20.07 10.75 25.44
N SER A 121 -19.71 9.52 25.82
CA SER A 121 -19.12 8.61 24.85
C SER A 121 -20.13 8.23 23.78
N ARG A 122 -21.39 7.97 24.16
CA ARG A 122 -22.37 7.56 23.15
C ARG A 122 -22.65 8.68 22.16
N VAL A 123 -22.76 9.92 22.66
CA VAL A 123 -22.96 11.05 21.75
C VAL A 123 -21.75 11.24 20.86
N PHE A 124 -20.55 11.13 21.43
CA PHE A 124 -19.33 11.40 20.67
C PHE A 124 -19.24 10.49 19.44
N TYR A 125 -19.51 9.20 19.62
CA TYR A 125 -19.39 8.25 18.51
C TYR A 125 -20.53 8.40 17.52
N LEU A 126 -21.74 8.72 17.98
CA LEU A 126 -22.84 8.91 17.03
C LEU A 126 -22.67 10.21 16.24
N LYS A 127 -22.13 11.26 16.87
CA LYS A 127 -21.77 12.46 16.14
C LYS A 127 -20.73 12.14 15.06
N MET A 128 -19.73 11.33 15.41
N MET A 128 -19.73 11.32 15.40
CA MET A 128 -18.70 10.93 14.46
CA MET A 128 -18.71 10.97 14.42
C MET A 128 -19.30 10.17 13.28
C MET A 128 -19.32 10.18 13.27
N LYS A 129 -20.24 9.25 13.57
CA LYS A 129 -20.93 8.55 12.49
C LYS A 129 -21.65 9.53 11.58
N GLY A 130 -22.33 10.52 12.16
CA GLY A 130 -23.02 11.49 11.34
C GLY A 130 -22.07 12.30 10.49
N ASP A 131 -20.92 12.67 11.05
CA ASP A 131 -19.91 13.42 10.33
C ASP A 131 -19.39 12.65 9.12
N TYR A 132 -19.01 11.38 9.31
CA TYR A 132 -18.38 10.67 8.19
C TYR A 132 -19.40 10.27 7.13
N TYR A 133 -20.67 10.06 7.49
CA TYR A 133 -21.69 9.99 6.44
C TYR A 133 -21.84 11.32 5.73
N ARG A 134 -21.74 12.44 6.45
CA ARG A 134 -21.79 13.74 5.81
C ARG A 134 -20.66 13.91 4.82
N TYR A 135 -19.46 13.45 5.17
CA TYR A 135 -18.34 13.57 4.23
C TYR A 135 -18.58 12.70 3.00
N LEU A 136 -19.20 11.52 3.17
CA LEU A 136 -19.57 10.72 2.02
C LEU A 136 -20.62 11.43 1.17
N ALA A 137 -21.56 12.11 1.82
CA ALA A 137 -22.62 12.77 1.07
C ALA A 137 -22.07 13.91 0.24
N GLU A 138 -21.01 14.55 0.72
CA GLU A 138 -20.40 15.66 0.00
C GLU A 138 -19.99 15.25 -1.42
N VAL A 139 -19.68 13.97 -1.64
CA VAL A 139 -19.17 13.51 -2.93
C VAL A 139 -20.10 12.53 -3.62
N ALA A 140 -21.22 12.14 -3.00
CA ALA A 140 -22.08 11.10 -3.55
C ALA A 140 -23.09 11.68 -4.53
N THR A 141 -23.74 10.78 -5.29
CA THR A 141 -24.78 11.15 -6.24
C THR A 141 -25.92 10.15 -6.19
N GLY A 142 -27.07 10.58 -6.71
CA GLY A 142 -28.16 9.68 -7.04
C GLY A 142 -28.74 8.96 -5.85
N ASP A 143 -29.18 7.72 -6.10
CA ASP A 143 -29.81 6.92 -5.05
C ASP A 143 -28.88 6.74 -3.86
N ASP A 144 -27.59 6.54 -4.13
CA ASP A 144 -26.64 6.38 -3.04
C ASP A 144 -26.63 7.59 -2.13
N LYS A 145 -26.60 8.80 -2.71
CA LYS A 145 -26.60 10.01 -1.90
C LYS A 145 -27.83 10.08 -1.01
N LYS A 146 -29.00 9.71 -1.53
CA LYS A 146 -30.22 9.75 -0.73
C LYS A 146 -30.10 8.85 0.50
N ARG A 147 -29.59 7.62 0.30
CA ARG A 147 -29.40 6.72 1.42
C ARG A 147 -28.43 7.28 2.44
N ILE A 148 -27.32 7.84 1.96
CA ILE A 148 -26.29 8.38 2.86
C ILE A 148 -26.85 9.52 3.68
N ILE A 149 -27.63 10.41 3.05
CA ILE A 149 -28.21 11.54 3.76
C ILE A 149 -29.13 11.04 4.89
N ASP A 150 -29.94 10.02 4.61
CA ASP A 150 -30.80 9.47 5.65
C ASP A 150 -29.98 8.86 6.78
N SER A 151 -28.89 8.17 6.44
CA SER A 151 -28.04 7.60 7.47
C SER A 151 -27.39 8.68 8.34
N ALA A 152 -26.90 9.75 7.71
CA ALA A 152 -26.34 10.85 8.48
C ALA A 152 -27.40 11.45 9.41
N ARG A 153 -28.60 11.69 8.88
CA ARG A 153 -29.64 12.32 9.70
C ARG A 153 -29.98 11.47 10.92
N SER A 154 -30.11 10.17 10.71
CA SER A 154 -30.47 9.28 11.81
C SER A 154 -29.41 9.29 12.89
N ALA A 155 -28.13 9.24 12.50
CA ALA A 155 -27.06 9.24 13.49
C ALA A 155 -27.05 10.56 14.26
N TYR A 156 -27.09 11.68 13.56
CA TYR A 156 -27.10 12.98 14.21
C TYR A 156 -28.31 13.10 15.13
N GLN A 157 -29.49 12.68 14.67
CA GLN A 157 -30.69 12.86 15.47
C GLN A 157 -30.62 12.05 16.76
N GLU A 158 -30.12 10.82 16.70
N GLU A 158 -30.15 10.81 16.67
CA GLU A 158 -30.01 10.05 17.94
CA GLU A 158 -29.93 9.99 17.86
C GLU A 158 -29.03 10.70 18.89
C GLU A 158 -29.05 10.72 18.85
N ALA A 159 -27.93 11.24 18.37
CA ALA A 159 -26.98 11.94 19.24
C ALA A 159 -27.62 13.17 19.86
N MET A 160 -28.45 13.88 19.09
CA MET A 160 -29.12 15.06 19.61
C MET A 160 -30.06 14.70 20.75
N ASP A 161 -30.85 13.64 20.57
CA ASP A 161 -31.78 13.21 21.59
C ASP A 161 -31.05 12.93 22.91
N ILE A 162 -29.92 12.23 22.85
CA ILE A 162 -29.16 11.94 24.07
C ILE A 162 -28.58 13.21 24.67
N SER A 163 -27.95 14.05 23.85
CA SER A 163 -27.28 15.23 24.40
C SER A 163 -28.28 16.18 25.04
N LYS A 164 -29.49 16.27 24.50
CA LYS A 164 -30.48 17.17 25.07
C LYS A 164 -30.95 16.70 26.45
N LYS A 165 -31.05 15.37 26.64
CA LYS A 165 -31.53 14.84 27.90
C LYS A 165 -30.43 14.77 28.96
N GLU A 166 -29.17 14.58 28.56
CA GLU A 166 -28.12 14.19 29.49
C GLU A 166 -27.02 15.21 29.67
N MET A 167 -26.91 16.23 28.82
CA MET A 167 -25.79 17.16 28.90
C MET A 167 -26.31 18.57 29.02
N PRO A 168 -25.56 19.47 29.66
CA PRO A 168 -25.97 20.87 29.75
C PRO A 168 -25.77 21.57 28.41
N PRO A 169 -26.54 22.64 28.14
CA PRO A 169 -26.49 23.26 26.81
C PRO A 169 -25.17 23.92 26.46
N THR A 170 -24.24 24.05 27.41
CA THR A 170 -22.92 24.60 27.14
C THR A 170 -21.87 23.52 26.94
N ASN A 171 -22.24 22.25 27.09
CA ASN A 171 -21.26 21.18 26.96
C ASN A 171 -20.64 21.22 25.56
N PRO A 172 -19.30 21.23 25.45
CA PRO A 172 -18.68 21.33 24.12
C PRO A 172 -19.09 20.22 23.16
N ILE A 173 -19.29 18.99 23.63
CA ILE A 173 -19.68 17.93 22.71
C ILE A 173 -21.08 18.18 22.18
N ARG A 174 -21.99 18.64 23.05
CA ARG A 174 -23.34 18.96 22.61
C ARG A 174 -23.32 20.12 21.61
N LEU A 175 -22.48 21.12 21.84
CA LEU A 175 -22.41 22.26 20.94
C LEU A 175 -21.84 21.86 19.59
N GLY A 176 -20.74 21.11 19.60
CA GLY A 176 -20.13 20.69 18.34
C GLY A 176 -21.06 19.82 17.53
N LEU A 177 -21.84 18.96 18.19
CA LEU A 177 -22.84 18.15 17.51
C LEU A 177 -23.88 19.02 16.82
N ALA A 178 -24.44 19.98 17.56
CA ALA A 178 -25.46 20.85 16.99
C ALA A 178 -24.87 21.68 15.84
N LEU A 179 -23.67 22.19 16.02
CA LEU A 179 -22.97 22.88 14.93
C LEU A 179 -22.91 22.01 13.67
N ASN A 180 -22.40 20.79 13.81
CA ASN A 180 -22.24 19.94 12.64
C ASN A 180 -23.58 19.53 12.05
N PHE A 181 -24.58 19.30 12.91
CA PHE A 181 -25.90 18.93 12.41
C PHE A 181 -26.53 20.09 11.65
N SER A 182 -26.28 21.33 12.10
CA SER A 182 -26.81 22.49 11.37
C SER A 182 -26.14 22.62 10.01
N VAL A 183 -24.83 22.37 9.94
CA VAL A 183 -24.14 22.38 8.66
C VAL A 183 -24.72 21.31 7.74
N PHE A 184 -25.04 20.14 8.30
CA PHE A 184 -25.70 19.09 7.52
C PHE A 184 -27.02 19.58 6.96
N HIS A 185 -27.85 20.21 7.80
CA HIS A 185 -29.12 20.73 7.33
C HIS A 185 -28.91 21.71 6.17
N TYR A 186 -27.98 22.64 6.34
CA TYR A 186 -27.82 23.71 5.36
C TYR A 186 -27.18 23.20 4.08
N GLU A 187 -26.02 22.54 4.18
CA GLU A 187 -25.23 22.21 3.01
C GLU A 187 -25.66 20.90 2.33
N ILE A 188 -26.16 19.93 3.09
CA ILE A 188 -26.38 18.58 2.58
C ILE A 188 -27.86 18.30 2.34
N ALA A 189 -28.72 18.66 3.30
CA ALA A 189 -30.14 18.32 3.25
C ALA A 189 -30.99 19.42 2.61
N ASN A 190 -30.35 20.49 2.12
CA ASN A 190 -31.06 21.60 1.50
C ASN A 190 -32.23 22.05 2.38
N SER A 191 -31.94 22.27 3.66
CA SER A 191 -32.94 22.69 4.65
C SER A 191 -32.41 23.90 5.41
N PRO A 192 -32.24 25.04 4.72
CA PRO A 192 -31.64 26.22 5.38
C PRO A 192 -32.43 26.70 6.59
N GLU A 193 -33.76 26.59 6.57
CA GLU A 193 -34.56 27.06 7.69
C GLU A 193 -34.28 26.24 8.94
N GLU A 194 -34.22 24.90 8.79
CA GLU A 194 -33.92 24.05 9.94
C GLU A 194 -32.50 24.30 10.43
N ALA A 195 -31.56 24.55 9.51
CA ALA A 195 -30.18 24.82 9.92
C ALA A 195 -30.08 26.10 10.74
N ILE A 196 -30.80 27.14 10.32
CA ILE A 196 -30.74 28.42 11.02
C ILE A 196 -31.37 28.29 12.41
N SER A 197 -32.54 27.67 12.47
CA SER A 197 -33.22 27.50 13.76
C SER A 197 -32.37 26.73 14.75
N LEU A 198 -31.72 25.66 14.30
CA LEU A 198 -30.93 24.83 15.20
C LEU A 198 -29.73 25.61 15.74
N ALA A 199 -29.01 26.31 14.86
CA ALA A 199 -27.82 27.04 15.31
C ALA A 199 -28.21 28.17 16.26
N LYS A 200 -29.35 28.82 15.99
CA LYS A 200 -29.79 29.94 16.83
C LYS A 200 -30.27 29.45 18.19
N THR A 201 -31.11 28.41 18.20
CA THR A 201 -31.52 27.80 19.46
C THR A 201 -30.32 27.36 20.28
N THR A 202 -29.36 26.69 19.63
CA THR A 202 -28.19 26.18 20.32
C THR A 202 -27.38 27.32 20.95
N PHE A 203 -27.12 28.37 20.16
CA PHE A 203 -26.37 29.51 20.68
C PHE A 203 -27.12 30.16 21.84
N ASP A 204 -28.42 30.37 21.69
CA ASP A 204 -29.18 31.10 22.71
C ASP A 204 -29.22 30.33 24.02
N GLU A 205 -29.53 29.04 23.97
CA GLU A 205 -29.61 28.26 25.19
C GLU A 205 -28.25 28.13 25.86
N ALA A 206 -27.16 28.19 25.07
CA ALA A 206 -25.83 28.18 25.66
C ALA A 206 -25.49 29.52 26.28
N MET A 207 -25.82 30.62 25.60
CA MET A 207 -25.51 31.95 26.12
C MET A 207 -26.10 32.16 27.50
N ALA A 208 -27.34 31.70 27.71
CA ALA A 208 -28.02 31.90 28.99
C ALA A 208 -27.18 31.42 30.16
N ASP A 209 -26.30 30.44 29.95
CA ASP A 209 -25.61 29.76 31.03
C ASP A 209 -24.12 30.05 31.09
N LEU A 210 -23.56 30.83 30.17
CA LEU A 210 -22.11 31.02 30.13
C LEU A 210 -21.58 31.57 31.44
N HIS A 211 -22.34 32.44 32.11
CA HIS A 211 -21.83 33.13 33.29
C HIS A 211 -21.55 32.20 34.46
N THR A 212 -22.10 30.99 34.44
CA THR A 212 -21.90 30.04 35.53
C THR A 212 -20.63 29.21 35.40
N LEU A 213 -19.92 29.34 34.29
CA LEU A 213 -18.85 28.41 33.95
C LEU A 213 -17.51 28.89 34.49
N SER A 214 -16.67 27.93 34.89
CA SER A 214 -15.30 28.24 35.24
C SER A 214 -14.61 28.92 34.06
N GLU A 215 -13.39 29.41 34.31
CA GLU A 215 -12.61 30.03 33.25
C GLU A 215 -12.35 29.04 32.12
N ASP A 216 -11.87 27.84 32.46
CA ASP A 216 -11.50 26.87 31.43
C ASP A 216 -12.72 26.40 30.65
N SER A 217 -13.84 26.13 31.33
CA SER A 217 -15.05 25.73 30.63
C SER A 217 -15.56 26.86 29.74
N TYR A 218 -15.52 28.09 30.24
CA TYR A 218 -15.94 29.23 29.44
C TYR A 218 -15.24 29.24 28.09
N LYS A 219 -13.91 29.05 28.10
CA LYS A 219 -13.15 29.07 26.86
C LYS A 219 -13.65 28.01 25.88
N ASP A 220 -13.74 26.76 26.34
CA ASP A 220 -14.14 25.68 25.45
C ASP A 220 -15.50 25.94 24.82
N SER A 221 -16.46 26.40 25.61
CA SER A 221 -17.81 26.61 25.09
C SER A 221 -17.88 27.77 24.12
N THR A 222 -17.16 28.86 24.41
CA THR A 222 -17.25 30.04 23.55
C THR A 222 -16.56 29.82 22.21
N LEU A 223 -15.51 29.00 22.17
CA LEU A 223 -14.85 28.71 20.90
C LEU A 223 -15.82 28.12 19.89
N ILE A 224 -16.74 27.26 20.36
CA ILE A 224 -17.69 26.62 19.46
C ILE A 224 -18.86 27.56 19.17
N MET A 225 -19.35 28.25 20.19
CA MET A 225 -20.41 29.23 19.97
C MET A 225 -20.01 30.25 18.92
N GLN A 226 -18.72 30.63 18.89
CA GLN A 226 -18.24 31.55 17.87
C GLN A 226 -18.36 30.94 16.48
N LEU A 227 -18.22 29.62 16.35
CA LEU A 227 -18.42 28.98 15.06
C LEU A 227 -19.88 29.00 14.66
N LEU A 228 -20.78 28.75 15.62
CA LEU A 228 -22.21 28.93 15.36
C LEU A 228 -22.49 30.35 14.87
N ARG A 229 -21.96 31.34 15.59
CA ARG A 229 -22.19 32.73 15.21
C ARG A 229 -21.65 33.01 13.81
N ASP A 230 -20.44 32.53 13.52
CA ASP A 230 -19.88 32.66 12.17
C ASP A 230 -20.87 32.19 11.12
N ASN A 231 -21.39 30.97 11.27
CA ASN A 231 -22.29 30.44 10.27
C ASN A 231 -23.60 31.23 10.24
N LEU A 232 -24.14 31.59 11.41
CA LEU A 232 -25.38 32.35 11.45
C LEU A 232 -25.23 33.67 10.70
N THR A 233 -24.08 34.32 10.83
CA THR A 233 -23.81 35.54 10.08
C THR A 233 -23.85 35.26 8.58
N LEU A 234 -23.34 34.11 8.15
CA LEU A 234 -23.29 33.79 6.73
C LEU A 234 -24.66 33.41 6.18
N TRP A 235 -25.54 32.87 7.03
CA TRP A 235 -26.82 32.35 6.58
C TRP A 235 -27.96 33.35 6.72
N THR A 236 -27.72 34.50 7.33
CA THR A 236 -28.78 35.45 7.65
C THR A 236 -28.35 36.88 7.36
N ARG B 4 -18.44 27.05 1.86
N ARG B 4 -18.67 26.89 1.87
CA ARG B 4 -17.76 26.43 2.98
CA ARG B 4 -17.87 26.33 2.96
C ARG B 4 -18.25 27.02 4.30
C ARG B 4 -18.24 27.00 4.28
N HIS B 5 -18.51 26.16 5.28
CA HIS B 5 -18.98 26.57 6.58
C HIS B 5 -18.01 26.10 7.65
N LYS B 6 -18.19 26.61 8.87
CA LYS B 6 -17.42 26.12 10.00
C LYS B 6 -18.05 24.87 10.57
N SEP B 7 -17.27 23.81 10.70
CA SEP B 7 -17.71 22.65 11.47
CB SEP B 7 -17.70 21.38 10.62
OG SEP B 7 -16.39 21.09 10.21
C SEP B 7 -16.79 22.53 12.67
O SEP B 7 -15.81 23.28 12.79
P SEP B 7 -16.34 19.77 9.27
O1P SEP B 7 -17.26 19.99 7.97
O2P SEP B 7 -14.80 19.57 8.91
O3P SEP B 7 -16.90 18.52 10.10
HA SEP B 7 -18.62 22.81 11.80
HB2 SEP B 7 -18.27 21.51 9.84
HB3 SEP B 7 -18.03 20.65 11.15
N ASP B 8 -17.10 21.61 13.57
CA ASP B 8 -16.34 21.47 14.80
C ASP B 8 -14.87 21.25 14.46
N SER B 9 -14.00 21.90 15.21
CA SER B 9 -12.56 21.84 14.93
C SER B 9 -11.90 20.70 15.69
N GLY C 1 -36.40 9.11 -10.49
CA GLY C 1 -35.58 8.34 -11.46
C GLY C 1 -36.14 8.41 -12.86
N ALA C 2 -35.40 7.84 -13.83
CA ALA C 2 -35.75 7.95 -15.23
C ALA C 2 -37.05 7.26 -15.58
N MET C 3 -37.57 6.42 -14.71
CA MET C 3 -38.84 5.73 -14.94
C MET C 3 -40.00 6.39 -14.22
N GLY C 4 -39.75 7.53 -13.57
CA GLY C 4 -40.76 8.15 -12.72
C GLY C 4 -42.01 8.57 -13.46
N SER C 5 -41.88 8.91 -14.74
CA SER C 5 -43.03 9.39 -15.49
C SER C 5 -43.82 8.27 -16.15
N MET C 6 -43.41 7.01 -15.99
CA MET C 6 -44.05 5.91 -16.67
C MET C 6 -44.97 5.15 -15.72
N GLU C 7 -46.15 4.79 -16.23
CA GLU C 7 -47.11 3.99 -15.48
C GLU C 7 -46.51 2.67 -15.03
N ARG C 8 -46.86 2.25 -13.81
CA ARG C 8 -46.41 0.98 -13.27
C ARG C 8 -46.73 -0.18 -14.22
N ALA C 9 -47.97 -0.22 -14.73
CA ALA C 9 -48.37 -1.33 -15.58
C ALA C 9 -47.55 -1.36 -16.87
N SER C 10 -47.19 -0.18 -17.39
CA SER C 10 -46.39 -0.12 -18.60
C SER C 10 -44.95 -0.56 -18.35
N LEU C 11 -44.41 -0.22 -17.18
CA LEU C 11 -43.08 -0.69 -16.80
C LEU C 11 -43.03 -2.21 -16.73
N ILE C 12 -44.06 -2.83 -16.14
CA ILE C 12 -44.10 -4.29 -16.08
C ILE C 12 -44.18 -4.89 -17.48
N GLN C 13 -45.04 -4.32 -18.34
CA GLN C 13 -45.15 -4.78 -19.71
C GLN C 13 -43.81 -4.70 -20.44
N LYS C 14 -43.09 -3.60 -20.27
CA LYS C 14 -41.83 -3.41 -20.97
C LYS C 14 -40.74 -4.33 -20.40
N ALA C 15 -40.79 -4.60 -19.09
CA ALA C 15 -39.91 -5.60 -18.51
C ALA C 15 -40.08 -6.94 -19.20
N LYS C 16 -41.33 -7.34 -19.45
CA LYS C 16 -41.58 -8.60 -20.14
C LYS C 16 -41.11 -8.56 -21.58
N LEU C 17 -41.26 -7.41 -22.25
CA LEU C 17 -40.72 -7.27 -23.60
C LEU C 17 -39.20 -7.37 -23.61
N ALA C 18 -38.55 -6.71 -22.66
CA ALA C 18 -37.09 -6.77 -22.59
C ALA C 18 -36.62 -8.20 -22.35
N GLU C 19 -37.32 -8.94 -21.49
CA GLU C 19 -36.99 -10.34 -21.28
C GLU C 19 -37.06 -11.12 -22.59
N GLN C 20 -38.14 -10.94 -23.35
CA GLN C 20 -38.27 -11.62 -24.63
C GLN C 20 -37.12 -11.29 -25.56
N ALA C 21 -36.64 -10.04 -25.51
CA ALA C 21 -35.51 -9.61 -26.34
C ALA C 21 -34.17 -9.91 -25.69
N GLU C 22 -34.15 -10.53 -24.51
CA GLU C 22 -32.91 -10.85 -23.79
C GLU C 22 -32.11 -9.59 -23.49
N ARG C 23 -32.82 -8.51 -23.16
CA ARG C 23 -32.21 -7.22 -22.83
C ARG C 23 -32.34 -7.04 -21.31
N TYR C 24 -31.47 -7.69 -20.57
CA TYR C 24 -31.70 -7.81 -19.13
C TYR C 24 -31.36 -6.52 -18.39
N GLU C 25 -30.41 -5.72 -18.89
CA GLU C 25 -30.18 -4.42 -18.28
C GLU C 25 -31.44 -3.56 -18.35
N ASP C 26 -32.06 -3.50 -19.54
CA ASP C 26 -33.34 -2.80 -19.68
C ASP C 26 -34.39 -3.40 -18.75
N MET C 27 -34.47 -4.73 -18.73
CA MET C 27 -35.46 -5.40 -17.89
C MET C 27 -35.30 -4.99 -16.43
N ALA C 28 -34.06 -4.98 -15.93
CA ALA C 28 -33.80 -4.59 -14.56
C ALA C 28 -34.22 -3.15 -14.30
N ALA C 29 -33.91 -2.25 -15.25
CA ALA C 29 -34.26 -0.84 -15.06
C ALA C 29 -35.76 -0.63 -15.03
N PHE C 30 -36.50 -1.34 -15.89
CA PHE C 30 -37.96 -1.28 -15.86
C PHE C 30 -38.49 -1.80 -14.51
N MET C 31 -37.95 -2.91 -14.02
CA MET C 31 -38.45 -3.45 -12.76
C MET C 31 -38.07 -2.56 -11.59
N LYS C 32 -36.89 -1.94 -11.64
CA LYS C 32 -36.52 -0.95 -10.64
C LYS C 32 -37.55 0.18 -10.60
N GLY C 33 -37.96 0.66 -11.78
CA GLY C 33 -38.97 1.70 -11.81
C GLY C 33 -40.29 1.25 -11.21
N ALA C 34 -40.67 0.01 -11.47
CA ALA C 34 -41.90 -0.54 -10.91
C ALA C 34 -41.81 -0.65 -9.39
N VAL C 35 -40.67 -1.11 -8.88
CA VAL C 35 -40.48 -1.17 -7.44
C VAL C 35 -40.62 0.22 -6.82
N GLU C 36 -40.02 1.23 -7.45
CA GLU C 36 -40.00 2.57 -6.89
C GLU C 36 -41.38 3.22 -6.87
N LYS C 37 -42.40 2.60 -7.45
CA LYS C 37 -43.75 3.11 -7.30
C LYS C 37 -44.29 2.91 -5.89
N GLY C 38 -43.69 2.00 -5.12
CA GLY C 38 -44.02 1.84 -3.72
C GLY C 38 -45.09 0.82 -3.43
N GLU C 39 -45.59 0.10 -4.44
CA GLU C 39 -46.59 -0.94 -4.23
C GLU C 39 -45.90 -2.29 -4.15
N GLU C 40 -46.49 -3.20 -3.38
CA GLU C 40 -45.94 -4.54 -3.25
C GLU C 40 -45.90 -5.24 -4.60
N LEU C 41 -44.93 -6.13 -4.75
CA LEU C 41 -44.81 -6.93 -5.97
C LEU C 41 -45.61 -8.22 -5.82
N SER C 42 -46.25 -8.62 -6.91
CA SER C 42 -46.85 -9.94 -6.99
C SER C 42 -45.77 -11.01 -7.09
N CYS C 43 -46.16 -12.28 -6.90
CA CYS C 43 -45.20 -13.36 -7.07
C CYS C 43 -44.58 -13.32 -8.46
N GLU C 44 -45.38 -13.04 -9.49
CA GLU C 44 -44.85 -12.97 -10.85
C GLU C 44 -43.91 -11.78 -11.00
N GLU C 45 -44.22 -10.66 -10.36
CA GLU C 45 -43.38 -9.48 -10.47
C GLU C 45 -42.06 -9.67 -9.72
N ARG C 46 -42.11 -10.31 -8.55
CA ARG C 46 -40.88 -10.63 -7.83
C ARG C 46 -39.93 -11.46 -8.70
N ASN C 47 -40.49 -12.45 -9.42
CA ASN C 47 -39.65 -13.28 -10.29
C ASN C 47 -39.07 -12.47 -11.43
N LEU C 48 -39.84 -11.54 -12.00
CA LEU C 48 -39.30 -10.66 -13.04
C LEU C 48 -38.10 -9.89 -12.50
N LEU C 49 -38.25 -9.29 -11.33
CA LEU C 49 -37.17 -8.54 -10.72
C LEU C 49 -35.92 -9.39 -10.55
N SER C 50 -36.11 -10.59 -9.98
CA SER C 50 -34.99 -11.49 -9.68
C SER C 50 -34.31 -11.96 -10.95
N VAL C 51 -35.09 -12.38 -11.93
CA VAL C 51 -34.51 -12.84 -13.20
C VAL C 51 -33.69 -11.74 -13.84
N ALA C 52 -34.21 -10.51 -13.83
CA ALA C 52 -33.50 -9.41 -14.48
C ALA C 52 -32.13 -9.20 -13.86
N TYR C 53 -32.09 -8.98 -12.55
CA TYR C 53 -30.81 -8.66 -11.92
C TYR C 53 -29.91 -9.88 -11.84
N LYS C 54 -30.46 -11.08 -11.72
CA LYS C 54 -29.61 -12.26 -11.71
C LYS C 54 -28.85 -12.41 -13.02
N ASN C 55 -29.51 -12.12 -14.14
CA ASN C 55 -28.83 -12.20 -15.43
C ASN C 55 -27.76 -11.11 -15.55
N VAL C 56 -28.05 -9.90 -15.08
CA VAL C 56 -27.06 -8.82 -15.15
C VAL C 56 -25.84 -9.17 -14.31
N VAL C 57 -26.06 -9.48 -13.04
CA VAL C 57 -24.92 -9.76 -12.17
C VAL C 57 -24.28 -11.09 -12.58
N GLY C 58 -25.07 -12.02 -13.08
CA GLY C 58 -24.51 -13.27 -13.57
C GLY C 58 -23.43 -13.05 -14.61
N GLY C 59 -23.70 -12.18 -15.58
CA GLY C 59 -22.71 -11.93 -16.62
C GLY C 59 -21.47 -11.23 -16.07
N GLN C 60 -21.66 -10.29 -15.14
CA GLN C 60 -20.53 -9.61 -14.54
C GLN C 60 -19.67 -10.56 -13.71
N ARG C 61 -20.30 -11.45 -12.94
CA ARG C 61 -19.55 -12.44 -12.18
C ARG C 61 -18.73 -13.34 -13.10
N ALA C 62 -19.33 -13.79 -14.21
CA ALA C 62 -18.62 -14.66 -15.14
C ALA C 62 -17.41 -13.95 -15.74
N ALA C 63 -17.59 -12.69 -16.15
CA ALA C 63 -16.48 -11.91 -16.68
C ALA C 63 -15.41 -11.70 -15.61
N TRP C 64 -15.83 -11.40 -14.38
CA TRP C 64 -14.89 -11.20 -13.30
C TRP C 64 -14.05 -12.45 -13.08
N ARG C 65 -14.66 -13.63 -13.17
CA ARG C 65 -13.91 -14.87 -12.98
C ARG C 65 -12.95 -15.11 -14.13
N VAL C 66 -13.38 -14.81 -15.36
CA VAL C 66 -12.49 -14.90 -16.51
C VAL C 66 -11.26 -14.03 -16.29
N LEU C 67 -11.46 -12.76 -15.97
CA LEU C 67 -10.35 -11.83 -15.84
C LEU C 67 -9.51 -12.14 -14.60
N SER C 68 -10.16 -12.50 -13.48
CA SER C 68 -9.42 -12.82 -12.28
C SER C 68 -8.52 -14.03 -12.50
N SER C 69 -8.96 -14.98 -13.32
CA SER C 69 -8.13 -16.14 -13.62
C SER C 69 -6.94 -15.76 -14.50
N ILE C 70 -7.17 -14.96 -15.54
CA ILE C 70 -6.06 -14.43 -16.33
C ILE C 70 -5.08 -13.69 -15.43
N GLU C 71 -5.60 -12.89 -14.50
CA GLU C 71 -4.76 -12.07 -13.63
C GLU C 71 -3.83 -12.94 -12.79
N GLN C 72 -4.38 -14.00 -12.18
CA GLN C 72 -3.59 -14.85 -11.30
C GLN C 72 -2.58 -15.67 -12.09
N LYS C 73 -2.94 -16.12 -13.29
CA LYS C 73 -2.00 -16.86 -14.12
C LYS C 73 -0.82 -15.99 -14.52
N SER C 74 -1.06 -14.70 -14.76
CA SER C 74 0.01 -13.77 -15.08
C SER C 74 0.95 -13.61 -13.89
N LYS C 82 5.18 -7.77 -17.08
CA LYS C 82 3.75 -7.75 -16.76
C LYS C 82 3.27 -6.31 -16.58
N GLY C 83 2.25 -5.94 -17.34
CA GLY C 83 1.68 -4.62 -17.25
C GLY C 83 0.48 -4.58 -16.33
N PRO C 84 -0.04 -3.38 -16.07
CA PRO C 84 -1.18 -3.22 -15.17
C PRO C 84 -2.54 -3.48 -15.82
N GLU C 85 -2.57 -3.82 -17.11
CA GLU C 85 -3.81 -3.78 -17.89
C GLU C 85 -4.84 -4.80 -17.40
N VAL C 86 -4.42 -6.04 -17.11
CA VAL C 86 -5.38 -7.05 -16.67
C VAL C 86 -6.01 -6.64 -15.34
N ARG C 87 -5.19 -6.21 -14.39
CA ARG C 87 -5.70 -5.75 -13.10
C ARG C 87 -6.65 -4.58 -13.27
N GLU C 88 -6.28 -3.61 -14.11
CA GLU C 88 -7.12 -2.43 -14.30
C GLU C 88 -8.49 -2.81 -14.84
N TYR C 89 -8.53 -3.70 -15.83
CA TYR C 89 -9.81 -4.07 -16.43
C TYR C 89 -10.61 -4.96 -15.48
N ARG C 90 -9.93 -5.83 -14.74
CA ARG C 90 -10.63 -6.62 -13.72
C ARG C 90 -11.26 -5.71 -12.68
N GLU C 91 -10.55 -4.65 -12.27
CA GLU C 91 -11.10 -3.69 -11.31
C GLU C 91 -12.30 -2.97 -11.89
N LYS C 92 -12.26 -2.60 -13.16
CA LYS C 92 -13.41 -1.97 -13.81
C LYS C 92 -14.64 -2.86 -13.72
N VAL C 93 -14.50 -4.11 -14.14
CA VAL C 93 -15.63 -5.05 -14.09
C VAL C 93 -16.11 -5.20 -12.65
N GLU C 94 -15.17 -5.34 -11.71
CA GLU C 94 -15.51 -5.51 -10.30
C GLU C 94 -16.34 -4.33 -9.80
N THR C 95 -15.94 -3.11 -10.15
CA THR C 95 -16.65 -1.94 -9.66
C THR C 95 -18.06 -1.85 -10.25
N GLU C 96 -18.22 -2.26 -11.50
CA GLU C 96 -19.56 -2.33 -12.09
C GLU C 96 -20.41 -3.37 -11.39
N LEU C 97 -19.83 -4.53 -11.08
CA LEU C 97 -20.54 -5.58 -10.36
C LEU C 97 -21.01 -5.09 -9.00
N GLN C 98 -20.11 -4.42 -8.27
CA GLN C 98 -20.48 -3.88 -6.96
C GLN C 98 -21.60 -2.86 -7.10
N GLY C 99 -21.60 -2.08 -8.18
CA GLY C 99 -22.67 -1.11 -8.38
C GLY C 99 -24.02 -1.78 -8.53
N VAL C 100 -24.07 -2.88 -9.29
CA VAL C 100 -25.32 -3.62 -9.46
C VAL C 100 -25.81 -4.17 -8.13
N CYS C 101 -24.91 -4.80 -7.36
CA CYS C 101 -25.33 -5.34 -6.06
C CYS C 101 -25.80 -4.24 -5.14
N ASP C 102 -25.11 -3.09 -5.14
CA ASP C 102 -25.53 -1.99 -4.30
C ASP C 102 -26.91 -1.48 -4.72
N THR C 103 -27.20 -1.50 -6.02
CA THR C 103 -28.53 -1.10 -6.49
C THR C 103 -29.60 -2.04 -5.96
N VAL C 104 -29.36 -3.35 -6.07
CA VAL C 104 -30.32 -4.35 -5.61
C VAL C 104 -30.51 -4.25 -4.11
N LEU C 105 -29.41 -4.20 -3.36
CA LEU C 105 -29.50 -4.10 -1.92
C LEU C 105 -30.24 -2.83 -1.50
N GLY C 106 -30.05 -1.73 -2.24
CA GLY C 106 -30.79 -0.52 -1.94
C GLY C 106 -32.28 -0.67 -2.16
N LEU C 107 -32.67 -1.34 -3.25
CA LEU C 107 -34.10 -1.56 -3.50
C LEU C 107 -34.70 -2.44 -2.42
N LEU C 108 -33.97 -3.47 -2.00
CA LEU C 108 -34.48 -4.35 -0.94
C LEU C 108 -34.70 -3.56 0.35
N ASP C 109 -33.73 -2.72 0.73
CA ASP C 109 -33.81 -2.00 1.99
C ASP C 109 -34.85 -0.89 1.93
N SER C 110 -34.84 -0.12 0.84
CA SER C 110 -35.69 1.06 0.77
C SER C 110 -37.15 0.72 0.46
N HIS C 111 -37.42 -0.41 -0.22
CA HIS C 111 -38.77 -0.62 -0.76
C HIS C 111 -39.39 -1.98 -0.44
N LEU C 112 -38.60 -3.06 -0.43
CA LEU C 112 -39.18 -4.39 -0.53
C LEU C 112 -39.21 -5.16 0.79
N ILE C 113 -38.16 -5.08 1.60
CA ILE C 113 -38.11 -5.81 2.86
C ILE C 113 -39.00 -5.11 3.88
N LYS C 114 -40.03 -5.81 4.34
CA LYS C 114 -41.06 -5.26 5.21
C LYS C 114 -41.34 -6.21 6.36
N GLU C 115 -41.84 -5.65 7.46
CA GLU C 115 -42.33 -6.47 8.57
C GLU C 115 -43.66 -7.14 8.25
N ALA C 116 -44.34 -6.72 7.19
CA ALA C 116 -45.61 -7.29 6.78
C ALA C 116 -45.41 -8.26 5.63
N GLY C 117 -46.51 -8.73 5.05
CA GLY C 117 -46.46 -9.66 3.95
C GLY C 117 -46.42 -11.11 4.42
N ASP C 118 -46.79 -12.01 3.51
CA ASP C 118 -46.76 -13.42 3.84
C ASP C 118 -45.31 -13.90 3.96
N ALA C 119 -45.15 -15.09 4.54
CA ALA C 119 -43.81 -15.60 4.80
C ALA C 119 -43.01 -15.80 3.51
N GLU C 120 -43.68 -16.18 2.43
CA GLU C 120 -42.99 -16.39 1.17
C GLU C 120 -42.31 -15.11 0.70
N SER C 121 -43.05 -13.99 0.74
CA SER C 121 -42.48 -12.74 0.25
C SER C 121 -41.33 -12.26 1.14
N ARG C 122 -41.49 -12.36 2.46
CA ARG C 122 -40.44 -11.92 3.35
C ARG C 122 -39.19 -12.78 3.21
N VAL C 123 -39.37 -14.09 3.06
CA VAL C 123 -38.23 -14.98 2.85
C VAL C 123 -37.58 -14.70 1.50
N PHE C 124 -38.39 -14.48 0.48
CA PHE C 124 -37.86 -14.24 -0.86
C PHE C 124 -36.88 -13.07 -0.86
N TYR C 125 -37.27 -11.95 -0.22
CA TYR C 125 -36.42 -10.75 -0.26
C TYR C 125 -35.21 -10.86 0.67
N LEU C 126 -35.35 -11.51 1.83
CA LEU C 126 -34.19 -11.67 2.70
C LEU C 126 -33.18 -12.65 2.10
N LYS C 127 -33.66 -13.69 1.41
CA LYS C 127 -32.76 -14.55 0.65
C LYS C 127 -32.02 -13.75 -0.40
N MET C 128 -32.74 -12.91 -1.15
CA MET C 128 -32.13 -12.05 -2.16
C MET C 128 -31.06 -11.17 -1.54
N LYS C 129 -31.36 -10.56 -0.39
CA LYS C 129 -30.37 -9.74 0.30
C LYS C 129 -29.12 -10.56 0.62
N GLY C 130 -29.31 -11.77 1.15
CA GLY C 130 -28.18 -12.63 1.41
C GLY C 130 -27.38 -12.95 0.17
N ASP C 131 -28.08 -13.22 -0.94
CA ASP C 131 -27.42 -13.55 -2.20
C ASP C 131 -26.52 -12.41 -2.68
N TYR C 132 -27.04 -11.19 -2.65
CA TYR C 132 -26.27 -10.10 -3.24
C TYR C 132 -25.16 -9.62 -2.32
N TYR C 133 -25.30 -9.77 -1.00
CA TYR C 133 -24.13 -9.62 -0.14
C TYR C 133 -23.10 -10.71 -0.44
N ARG C 134 -23.56 -11.94 -0.69
CA ARG C 134 -22.64 -13.01 -1.06
C ARG C 134 -21.88 -12.68 -2.33
N TYR C 135 -22.56 -12.11 -3.34
CA TYR C 135 -21.86 -11.73 -4.56
C TYR C 135 -20.84 -10.63 -4.27
N LEU C 136 -21.16 -9.70 -3.37
CA LEU C 136 -20.16 -8.71 -2.98
C LEU C 136 -18.99 -9.37 -2.27
N ALA C 137 -19.26 -10.39 -1.46
CA ALA C 137 -18.21 -11.06 -0.70
C ALA C 137 -17.26 -11.82 -1.61
N GLU C 138 -17.76 -12.32 -2.74
CA GLU C 138 -16.92 -13.03 -3.70
C GLU C 138 -15.75 -12.18 -4.18
N VAL C 139 -15.91 -10.86 -4.24
CA VAL C 139 -14.86 -9.98 -4.76
C VAL C 139 -14.24 -9.07 -3.71
N ALA C 140 -14.68 -9.15 -2.46
CA ALA C 140 -14.19 -8.23 -1.44
C ALA C 140 -12.94 -8.77 -0.76
N THR C 141 -12.29 -7.89 0.02
CA THR C 141 -11.10 -8.24 0.80
C THR C 141 -11.16 -7.56 2.15
N GLY C 142 -10.37 -8.06 3.08
CA GLY C 142 -10.04 -7.35 4.30
C GLY C 142 -11.24 -7.07 5.20
N ASP C 143 -11.18 -5.93 5.88
CA ASP C 143 -12.24 -5.57 6.82
C ASP C 143 -13.59 -5.50 6.14
N ASP C 144 -13.62 -5.04 4.89
CA ASP C 144 -14.89 -4.93 4.18
C ASP C 144 -15.52 -6.31 3.99
N LYS C 145 -14.72 -7.29 3.55
CA LYS C 145 -15.22 -8.65 3.40
C LYS C 145 -15.81 -9.17 4.69
N LYS C 146 -15.13 -8.94 5.82
CA LYS C 146 -15.63 -9.42 7.10
C LYS C 146 -17.00 -8.83 7.41
N ARG C 147 -17.19 -7.54 7.15
CA ARG C 147 -18.48 -6.91 7.36
C ARG C 147 -19.54 -7.49 6.43
N ILE C 148 -19.18 -7.68 5.15
CA ILE C 148 -20.14 -8.21 4.18
C ILE C 148 -20.57 -9.62 4.57
N ILE C 149 -19.61 -10.43 5.01
CA ILE C 149 -19.93 -11.81 5.42
C ILE C 149 -20.95 -11.79 6.55
N ASP C 150 -20.74 -10.93 7.55
CA ASP C 150 -21.69 -10.83 8.66
C ASP C 150 -23.07 -10.41 8.19
N SER C 151 -23.14 -9.48 7.23
CA SER C 151 -24.43 -9.02 6.72
C SER C 151 -25.14 -10.11 5.94
N ALA C 152 -24.39 -10.85 5.12
CA ALA C 152 -24.99 -11.97 4.40
C ALA C 152 -25.52 -13.01 5.37
N ARG C 153 -24.71 -13.39 6.36
CA ARG C 153 -25.17 -14.40 7.33
C ARG C 153 -26.42 -13.93 8.05
N SER C 154 -26.45 -12.66 8.48
CA SER C 154 -27.60 -12.14 9.21
C SER C 154 -28.88 -12.22 8.36
N ALA C 155 -28.78 -11.90 7.07
CA ALA C 155 -29.96 -11.95 6.20
C ALA C 155 -30.41 -13.38 5.97
N TYR C 156 -29.48 -14.24 5.58
CA TYR C 156 -29.80 -15.65 5.38
C TYR C 156 -30.43 -16.26 6.63
N GLN C 157 -29.86 -15.99 7.80
CA GLN C 157 -30.36 -16.61 9.02
C GLN C 157 -31.76 -16.11 9.35
N GLU C 158 -32.03 -14.83 9.15
CA GLU C 158 -33.39 -14.34 9.38
C GLU C 158 -34.38 -15.00 8.43
N ALA C 159 -33.97 -15.22 7.17
CA ALA C 159 -34.83 -15.93 6.23
C ALA C 159 -35.03 -17.38 6.64
N MET C 160 -33.97 -18.02 7.15
CA MET C 160 -34.08 -19.40 7.60
C MET C 160 -35.07 -19.52 8.75
N ASP C 161 -34.92 -18.65 9.76
CA ASP C 161 -35.82 -18.68 10.90
C ASP C 161 -37.28 -18.56 10.47
N ILE C 162 -37.57 -17.64 9.54
CA ILE C 162 -38.93 -17.49 9.05
C ILE C 162 -39.37 -18.76 8.32
N SER C 163 -38.55 -19.24 7.39
CA SER C 163 -39.00 -20.34 6.52
C SER C 163 -39.24 -21.61 7.31
N LYS C 164 -38.42 -21.86 8.34
CA LYS C 164 -38.60 -23.08 9.13
C LYS C 164 -39.86 -23.01 9.97
N LYS C 165 -40.26 -21.81 10.41
CA LYS C 165 -41.45 -21.67 11.23
C LYS C 165 -42.73 -21.60 10.39
N GLU C 166 -42.64 -21.13 9.13
CA GLU C 166 -43.84 -20.78 8.38
C GLU C 166 -43.99 -21.49 7.04
N MET C 167 -43.00 -22.27 6.60
CA MET C 167 -43.07 -22.91 5.29
C MET C 167 -42.78 -24.40 5.42
N PRO C 168 -43.41 -25.22 4.58
CA PRO C 168 -43.11 -26.66 4.60
C PRO C 168 -41.72 -26.93 4.03
N PRO C 169 -41.08 -28.04 4.43
CA PRO C 169 -39.69 -28.28 4.03
C PRO C 169 -39.52 -28.60 2.55
N THR C 170 -40.60 -28.78 1.80
CA THR C 170 -40.51 -28.98 0.36
C THR C 170 -40.72 -27.71 -0.44
N ASN C 171 -41.08 -26.61 0.22
CA ASN C 171 -41.32 -25.36 -0.48
C ASN C 171 -40.07 -24.96 -1.27
N PRO C 172 -40.18 -24.67 -2.56
CA PRO C 172 -38.97 -24.37 -3.35
C PRO C 172 -38.22 -23.13 -2.90
N ILE C 173 -38.90 -22.12 -2.35
CA ILE C 173 -38.20 -20.95 -1.84
C ILE C 173 -37.37 -21.34 -0.62
N ARG C 174 -37.95 -22.11 0.29
CA ARG C 174 -37.22 -22.57 1.46
C ARG C 174 -36.04 -23.45 1.06
N LEU C 175 -36.22 -24.28 0.04
CA LEU C 175 -35.14 -25.15 -0.42
C LEU C 175 -34.02 -24.34 -1.07
N GLY C 176 -34.38 -23.40 -1.94
CA GLY C 176 -33.37 -22.59 -2.61
C GLY C 176 -32.60 -21.72 -1.63
N LEU C 177 -33.29 -21.22 -0.61
CA LEU C 177 -32.62 -20.48 0.46
C LEU C 177 -31.59 -21.34 1.16
N ALA C 178 -32.00 -22.53 1.60
CA ALA C 178 -31.06 -23.42 2.29
C ALA C 178 -29.88 -23.78 1.40
N LEU C 179 -30.14 -24.01 0.12
CA LEU C 179 -29.06 -24.32 -0.82
C LEU C 179 -28.07 -23.16 -0.89
N ASN C 180 -28.57 -21.94 -1.06
CA ASN C 180 -27.67 -20.79 -1.18
C ASN C 180 -26.94 -20.51 0.12
N PHE C 181 -27.64 -20.63 1.25
CA PHE C 181 -26.99 -20.45 2.54
C PHE C 181 -25.91 -21.51 2.77
N SER C 182 -26.13 -22.73 2.30
CA SER C 182 -25.09 -23.76 2.44
C SER C 182 -23.87 -23.41 1.59
N VAL C 183 -24.09 -22.86 0.40
CA VAL C 183 -22.98 -22.42 -0.44
C VAL C 183 -22.22 -21.27 0.23
N PHE C 184 -22.95 -20.36 0.88
CA PHE C 184 -22.30 -19.30 1.64
C PHE C 184 -21.39 -19.86 2.72
N HIS C 185 -21.91 -20.80 3.52
CA HIS C 185 -21.10 -21.43 4.56
C HIS C 185 -19.82 -22.00 4.00
N TYR C 186 -19.92 -22.75 2.90
CA TYR C 186 -18.78 -23.48 2.38
C TYR C 186 -17.79 -22.56 1.67
N GLU C 187 -18.27 -21.75 0.72
CA GLU C 187 -17.40 -21.00 -0.15
C GLU C 187 -16.98 -19.64 0.43
N ILE C 188 -17.84 -18.99 1.20
CA ILE C 188 -17.60 -17.63 1.66
C ILE C 188 -17.11 -17.61 3.11
N ALA C 189 -17.80 -18.33 3.98
CA ALA C 189 -17.58 -18.25 5.41
C ALA C 189 -16.57 -19.27 5.92
N ASN C 190 -16.08 -20.15 5.05
CA ASN C 190 -15.11 -21.18 5.43
C ASN C 190 -15.64 -22.01 6.60
N SER C 191 -16.91 -22.42 6.49
CA SER C 191 -17.58 -23.27 7.46
C SER C 191 -18.08 -24.52 6.76
N PRO C 192 -17.19 -25.39 6.29
CA PRO C 192 -17.65 -26.59 5.56
C PRO C 192 -18.54 -27.49 6.40
N GLU C 193 -18.25 -27.61 7.70
CA GLU C 193 -19.08 -28.45 8.55
C GLU C 193 -20.49 -27.91 8.66
N GLU C 194 -20.64 -26.58 8.71
CA GLU C 194 -21.97 -25.99 8.76
C GLU C 194 -22.67 -26.13 7.40
N ALA C 195 -21.91 -26.04 6.31
CA ALA C 195 -22.50 -26.20 4.98
C ALA C 195 -23.03 -27.62 4.78
N ILE C 196 -22.25 -28.62 5.19
CA ILE C 196 -22.64 -30.01 4.96
C ILE C 196 -23.84 -30.37 5.82
N SER C 197 -23.80 -30.01 7.10
CA SER C 197 -24.92 -30.23 8.00
C SER C 197 -26.21 -29.64 7.45
N LEU C 198 -26.14 -28.40 6.94
CA LEU C 198 -27.35 -27.72 6.47
C LEU C 198 -27.88 -28.37 5.20
N ALA C 199 -26.99 -28.72 4.28
CA ALA C 199 -27.42 -29.35 3.04
C ALA C 199 -28.08 -30.70 3.32
N LYS C 200 -27.48 -31.49 4.22
CA LYS C 200 -28.01 -32.81 4.54
C LYS C 200 -29.35 -32.72 5.25
N THR C 201 -29.44 -31.88 6.27
CA THR C 201 -30.70 -31.70 6.97
C THR C 201 -31.80 -31.21 6.02
N THR C 202 -31.47 -30.29 5.13
CA THR C 202 -32.47 -29.78 4.20
C THR C 202 -32.97 -30.88 3.27
N PHE C 203 -32.05 -31.69 2.75
CA PHE C 203 -32.46 -32.78 1.87
C PHE C 203 -33.33 -33.77 2.62
N ASP C 204 -32.86 -34.21 3.79
CA ASP C 204 -33.59 -35.24 4.54
C ASP C 204 -35.01 -34.80 4.84
N GLU C 205 -35.18 -33.56 5.32
CA GLU C 205 -36.49 -33.12 5.75
C GLU C 205 -37.41 -32.87 4.57
N ALA C 206 -36.86 -32.56 3.40
CA ALA C 206 -37.69 -32.48 2.20
C ALA C 206 -38.10 -33.87 1.73
N MET C 207 -37.17 -34.82 1.74
CA MET C 207 -37.49 -36.18 1.28
C MET C 207 -38.60 -36.79 2.13
N ALA C 208 -38.57 -36.57 3.44
CA ALA C 208 -39.63 -37.07 4.31
C ALA C 208 -41.01 -36.60 3.87
N ASP C 209 -41.10 -35.52 3.11
CA ASP C 209 -42.37 -34.95 2.68
C ASP C 209 -42.66 -35.14 1.20
N LEU C 210 -41.81 -35.84 0.46
CA LEU C 210 -41.96 -35.89 -1.00
C LEU C 210 -43.30 -36.47 -1.42
N HIS C 211 -43.97 -37.23 -0.56
CA HIS C 211 -45.28 -37.78 -0.90
C HIS C 211 -46.38 -36.73 -0.82
N THR C 212 -46.14 -35.61 -0.14
CA THR C 212 -47.15 -34.57 -0.03
C THR C 212 -47.33 -33.78 -1.33
N LEU C 213 -46.32 -33.77 -2.18
CA LEU C 213 -46.39 -33.01 -3.42
C LEU C 213 -47.31 -33.70 -4.43
N SER C 214 -47.79 -32.91 -5.38
CA SER C 214 -48.64 -33.41 -6.44
C SER C 214 -47.84 -33.60 -7.73
N GLU C 215 -48.46 -34.29 -8.69
CA GLU C 215 -47.84 -34.44 -10.00
C GLU C 215 -47.57 -33.10 -10.66
N ASP C 216 -48.28 -32.04 -10.25
CA ASP C 216 -48.18 -30.75 -10.93
C ASP C 216 -46.93 -29.97 -10.53
N SER C 217 -46.61 -29.93 -9.24
CA SER C 217 -45.65 -28.97 -8.71
C SER C 217 -44.53 -29.66 -7.93
N TYR C 218 -44.07 -30.82 -8.41
CA TYR C 218 -43.01 -31.54 -7.72
C TYR C 218 -41.63 -31.29 -8.29
N LYS C 219 -41.52 -30.96 -9.58
CA LYS C 219 -40.21 -30.77 -10.19
C LYS C 219 -39.47 -29.60 -9.57
N ASP C 220 -40.20 -28.54 -9.19
CA ASP C 220 -39.57 -27.38 -8.57
C ASP C 220 -38.78 -27.79 -7.32
N SER C 221 -39.34 -28.73 -6.54
CA SER C 221 -38.70 -29.13 -5.30
C SER C 221 -37.57 -30.12 -5.53
N THR C 222 -37.80 -31.15 -6.36
CA THR C 222 -36.81 -32.20 -6.48
C THR C 222 -35.56 -31.73 -7.23
N LEU C 223 -35.70 -30.77 -8.14
CA LEU C 223 -34.53 -30.25 -8.85
C LEU C 223 -33.58 -29.55 -7.88
N ILE C 224 -34.12 -28.84 -6.90
CA ILE C 224 -33.27 -28.21 -5.89
C ILE C 224 -32.67 -29.28 -4.96
N MET C 225 -33.46 -30.27 -4.57
CA MET C 225 -32.92 -31.37 -3.77
C MET C 225 -31.75 -32.02 -4.49
N GLN C 226 -31.83 -32.12 -5.82
CA GLN C 226 -30.73 -32.70 -6.59
C GLN C 226 -29.50 -31.80 -6.56
N LEU C 227 -29.70 -30.47 -6.60
CA LEU C 227 -28.57 -29.56 -6.49
C LEU C 227 -27.91 -29.68 -5.11
N LEU C 228 -28.71 -29.82 -4.05
CA LEU C 228 -28.16 -30.04 -2.73
C LEU C 228 -27.27 -31.29 -2.73
N ARG C 229 -27.74 -32.37 -3.35
CA ARG C 229 -26.96 -33.60 -3.40
C ARG C 229 -25.69 -33.43 -4.23
N ASP C 230 -25.75 -32.67 -5.32
CA ASP C 230 -24.54 -32.41 -6.11
C ASP C 230 -23.47 -31.74 -5.26
N ASN C 231 -23.85 -30.69 -4.52
CA ASN C 231 -22.88 -29.99 -3.70
C ASN C 231 -22.32 -30.89 -2.62
N LEU C 232 -23.17 -31.70 -1.99
CA LEU C 232 -22.70 -32.63 -0.96
C LEU C 232 -21.64 -33.57 -1.52
N THR C 233 -21.82 -34.01 -2.76
CA THR C 233 -20.84 -34.91 -3.38
C THR C 233 -19.48 -34.23 -3.51
N LEU C 234 -19.45 -32.93 -3.79
CA LEU C 234 -18.18 -32.22 -3.91
C LEU C 234 -17.56 -31.95 -2.55
N TRP C 235 -18.38 -31.66 -1.54
CA TRP C 235 -17.87 -31.21 -0.25
C TRP C 235 -17.44 -32.36 0.64
N THR C 236 -17.95 -33.57 0.43
CA THR C 236 -17.61 -34.70 1.28
C THR C 236 -16.65 -35.64 0.57
N ARG D 4 -17.45 -26.55 -10.01
CA ARG D 4 -17.74 -25.93 -8.72
C ARG D 4 -19.13 -26.33 -8.24
N HIS D 5 -19.55 -25.73 -7.13
CA HIS D 5 -20.85 -26.03 -6.55
C HIS D 5 -21.92 -25.12 -7.14
N LYS D 6 -23.17 -25.47 -6.87
CA LYS D 6 -24.30 -24.86 -7.55
C LYS D 6 -25.17 -24.08 -6.57
N SEP D 7 -25.62 -22.90 -6.98
CA SEP D 7 -26.60 -22.13 -6.21
CB SEP D 7 -26.17 -20.67 -6.08
OG SEP D 7 -26.10 -20.06 -7.36
C SEP D 7 -27.97 -22.26 -6.89
O SEP D 7 -28.09 -22.88 -7.95
P SEP D 7 -25.56 -18.55 -7.24
O1P SEP D 7 -26.55 -17.69 -6.30
O2P SEP D 7 -24.08 -18.56 -6.63
O3P SEP D 7 -25.61 -18.03 -8.75
HA SEP D 7 -26.67 -22.52 -5.31
HB2 SEP D 7 -25.29 -20.62 -5.66
HB3 SEP D 7 -26.83 -20.19 -5.54
N ASP D 8 -28.99 -21.69 -6.28
CA ASP D 8 -30.36 -21.82 -6.78
C ASP D 8 -30.44 -21.30 -8.21
N SER D 9 -30.97 -22.12 -9.11
CA SER D 9 -31.07 -21.77 -10.52
C SER D 9 -32.47 -21.24 -10.86
N GLY E 1 4.69 -1.40 -14.11
CA GLY E 1 4.36 -0.41 -13.05
C GLY E 1 2.96 0.13 -13.22
N ALA E 2 2.41 0.68 -12.13
CA ALA E 2 1.00 1.08 -12.12
C ALA E 2 0.69 2.19 -13.11
N MET E 3 1.71 2.90 -13.61
CA MET E 3 1.50 3.96 -14.59
C MET E 3 1.77 3.51 -16.01
N GLY E 4 2.04 2.22 -16.23
CA GLY E 4 2.45 1.74 -17.54
C GLY E 4 1.40 1.93 -18.62
N SER E 5 0.13 2.01 -18.25
CA SER E 5 -0.94 2.11 -19.24
C SER E 5 -1.34 3.55 -19.51
N MET E 6 -0.73 4.54 -18.86
CA MET E 6 -1.13 5.93 -19.02
C MET E 6 -0.18 6.64 -19.98
N GLU E 7 -0.76 7.52 -20.79
CA GLU E 7 0.01 8.36 -21.70
C GLU E 7 0.94 9.30 -20.94
N ARG E 8 2.16 9.45 -21.47
CA ARG E 8 3.13 10.37 -20.88
C ARG E 8 2.55 11.75 -20.64
N ALA E 9 1.85 12.32 -21.64
CA ALA E 9 1.33 13.67 -21.47
C ALA E 9 0.30 13.74 -20.35
N SER E 10 -0.49 12.68 -20.20
CA SER E 10 -1.49 12.65 -19.14
C SER E 10 -0.83 12.52 -17.77
N LEU E 11 0.27 11.76 -17.68
CA LEU E 11 1.02 11.68 -16.43
C LEU E 11 1.57 13.05 -16.02
N ILE E 12 2.10 13.81 -16.98
CA ILE E 12 2.60 15.14 -16.66
C ILE E 12 1.44 16.04 -16.22
N GLN E 13 0.31 15.98 -16.93
CA GLN E 13 -0.85 16.77 -16.53
C GLN E 13 -1.27 16.46 -15.09
N LYS E 14 -1.34 15.17 -14.77
CA LYS E 14 -1.79 14.76 -13.45
C LYS E 14 -0.78 15.10 -12.37
N ALA E 15 0.52 15.01 -12.68
CA ALA E 15 1.52 15.53 -11.76
C ALA E 15 1.26 16.99 -11.41
N LYS E 16 0.86 17.79 -12.40
CA LYS E 16 0.60 19.20 -12.13
C LYS E 16 -0.66 19.40 -11.31
N LEU E 17 -1.69 18.58 -11.56
CA LEU E 17 -2.89 18.61 -10.72
C LEU E 17 -2.56 18.21 -9.29
N ALA E 18 -1.74 17.18 -9.12
CA ALA E 18 -1.39 16.73 -7.78
C ALA E 18 -0.63 17.82 -7.03
N GLU E 19 0.25 18.54 -7.73
CA GLU E 19 0.95 19.66 -7.11
C GLU E 19 -0.04 20.70 -6.60
N GLN E 20 -1.04 21.04 -7.41
CA GLN E 20 -2.02 22.04 -7.00
C GLN E 20 -2.79 21.58 -5.78
N ALA E 21 -3.07 20.29 -5.68
CA ALA E 21 -3.78 19.74 -4.54
C ALA E 21 -2.83 19.38 -3.40
N GLU E 22 -1.53 19.69 -3.54
CA GLU E 22 -0.53 19.42 -2.52
C GLU E 22 -0.49 17.93 -2.16
N ARG E 23 -0.67 17.09 -3.18
CA ARG E 23 -0.63 15.64 -3.05
C ARG E 23 0.69 15.13 -3.62
N TYR E 24 1.77 15.25 -2.83
CA TYR E 24 3.10 15.09 -3.40
C TYR E 24 3.48 13.63 -3.62
N GLU E 25 2.92 12.73 -2.81
CA GLU E 25 3.12 11.31 -3.06
C GLU E 25 2.54 10.90 -4.41
N ASP E 26 1.31 11.35 -4.69
CA ASP E 26 0.73 11.16 -6.03
C ASP E 26 1.60 11.81 -7.10
N MET E 27 2.00 13.05 -6.87
CA MET E 27 2.80 13.78 -7.86
C MET E 27 4.07 13.00 -8.20
N ALA E 28 4.75 12.48 -7.18
CA ALA E 28 5.98 11.74 -7.42
C ALA E 28 5.70 10.47 -8.23
N ALA E 29 4.60 9.79 -7.94
CA ALA E 29 4.26 8.57 -8.66
C ALA E 29 3.95 8.85 -10.13
N PHE E 30 3.24 9.96 -10.41
CA PHE E 30 3.00 10.34 -11.80
C PHE E 30 4.32 10.65 -12.52
N MET E 31 5.21 11.40 -11.87
CA MET E 31 6.47 11.76 -12.52
C MET E 31 7.36 10.53 -12.70
N LYS E 32 7.36 9.61 -11.75
CA LYS E 32 8.07 8.35 -11.95
C LYS E 32 7.56 7.63 -13.20
N GLY E 33 6.23 7.53 -13.34
CA GLY E 33 5.66 6.94 -14.55
C GLY E 33 6.13 7.65 -15.81
N ALA E 34 6.19 8.99 -15.76
CA ALA E 34 6.63 9.75 -16.93
C ALA E 34 8.10 9.48 -17.27
N VAL E 35 8.96 9.42 -16.25
CA VAL E 35 10.36 9.11 -16.46
C VAL E 35 10.51 7.74 -17.11
N GLU E 36 9.74 6.76 -16.64
CA GLU E 36 9.87 5.39 -17.15
C GLU E 36 9.41 5.25 -18.59
N LYS E 37 8.82 6.28 -19.18
CA LYS E 37 8.52 6.25 -20.61
C LYS E 37 9.80 6.27 -21.44
N GLY E 38 10.92 6.69 -20.86
CA GLY E 38 12.20 6.60 -21.52
C GLY E 38 12.62 7.85 -22.27
N GLU E 39 11.81 8.90 -22.31
CA GLU E 39 12.16 10.13 -23.00
C GLU E 39 12.78 11.14 -22.03
N GLU E 40 13.62 12.01 -22.56
CA GLU E 40 14.22 13.06 -21.73
C GLU E 40 13.15 13.94 -21.12
N LEU E 41 13.48 14.51 -19.96
CA LEU E 41 12.63 15.50 -19.33
C LEU E 41 13.03 16.90 -19.75
N SER E 42 12.03 17.75 -20.00
CA SER E 42 12.27 19.17 -20.17
C SER E 42 12.68 19.79 -18.84
N CYS E 43 13.17 21.04 -18.89
CA CYS E 43 13.48 21.74 -17.65
C CYS E 43 12.28 21.77 -16.72
N GLU E 44 11.11 22.11 -17.26
CA GLU E 44 9.91 22.19 -16.44
C GLU E 44 9.57 20.83 -15.83
N GLU E 45 9.80 19.75 -16.58
CA GLU E 45 9.50 18.41 -16.10
C GLU E 45 10.52 17.96 -15.05
N ARG E 46 11.79 18.35 -15.21
N ARG E 46 11.79 18.34 -15.23
CA ARG E 46 12.79 18.07 -14.18
CA ARG E 46 12.80 18.10 -14.20
C ARG E 46 12.39 18.70 -12.85
C ARG E 46 12.39 18.69 -12.87
N ASN E 47 11.91 19.94 -12.89
CA ASN E 47 11.51 20.61 -11.66
C ASN E 47 10.33 19.92 -11.01
N LEU E 48 9.37 19.45 -11.81
CA LEU E 48 8.24 18.70 -11.27
C LEU E 48 8.72 17.46 -10.53
N LEU E 49 9.61 16.68 -11.17
CA LEU E 49 10.16 15.50 -10.53
C LEU E 49 10.82 15.85 -9.20
N SER E 50 11.65 16.90 -9.20
CA SER E 50 12.41 17.26 -8.01
C SER E 50 11.51 17.78 -6.90
N VAL E 51 10.55 18.64 -7.25
CA VAL E 51 9.62 19.18 -6.27
C VAL E 51 8.85 18.04 -5.59
N ALA E 52 8.36 17.10 -6.39
CA ALA E 52 7.56 16.00 -5.83
C ALA E 52 8.36 15.20 -4.81
N TYR E 53 9.53 14.70 -5.22
CA TYR E 53 10.27 13.83 -4.32
C TYR E 53 10.89 14.61 -3.16
N LYS E 54 11.27 15.87 -3.37
CA LYS E 54 11.80 16.66 -2.26
C LYS E 54 10.74 16.85 -1.18
N ASN E 55 9.48 17.04 -1.58
CA ASN E 55 8.41 17.18 -0.59
C ASN E 55 8.17 15.87 0.15
N VAL E 56 8.20 14.74 -0.56
CA VAL E 56 7.98 13.44 0.07
C VAL E 56 9.09 13.15 1.07
N VAL E 57 10.34 13.24 0.62
CA VAL E 57 11.46 12.90 1.50
C VAL E 57 11.62 13.97 2.58
N GLY E 58 11.29 15.22 2.26
CA GLY E 58 11.38 16.28 3.26
C GLY E 58 10.49 16.01 4.46
N GLY E 59 9.28 15.50 4.22
CA GLY E 59 8.39 15.15 5.32
C GLY E 59 8.92 13.99 6.14
N GLN E 60 9.49 12.99 5.47
CA GLN E 60 10.04 11.84 6.17
C GLN E 60 11.27 12.23 7.00
N ARG E 61 12.14 13.07 6.43
CA ARG E 61 13.30 13.54 7.19
C ARG E 61 12.86 14.32 8.42
N ALA E 62 11.89 15.22 8.26
CA ALA E 62 11.42 16.01 9.39
C ALA E 62 10.85 15.12 10.50
N ALA E 63 10.07 14.10 10.11
CA ALA E 63 9.55 13.16 11.10
C ALA E 63 10.68 12.41 11.78
N TRP E 64 11.64 11.91 10.98
CA TRP E 64 12.76 11.17 11.53
C TRP E 64 13.53 12.00 12.55
N ARG E 65 13.70 13.30 12.28
CA ARG E 65 14.37 14.17 13.22
C ARG E 65 13.55 14.34 14.50
N VAL E 66 12.23 14.50 14.37
CA VAL E 66 11.37 14.57 15.56
C VAL E 66 11.58 13.33 16.42
N LEU E 67 11.50 12.15 15.81
CA LEU E 67 11.57 10.90 16.56
C LEU E 67 12.98 10.66 17.09
N SER E 68 14.00 10.95 16.27
CA SER E 68 15.37 10.73 16.71
C SER E 68 15.71 11.63 17.90
N SER E 69 15.16 12.84 17.94
CA SER E 69 15.37 13.72 19.07
C SER E 69 14.67 13.20 20.33
N ILE E 70 13.48 12.63 20.17
CA ILE E 70 12.78 12.03 21.31
C ILE E 70 13.54 10.79 21.79
N GLU E 71 14.05 9.99 20.86
CA GLU E 71 14.79 8.79 21.22
C GLU E 71 16.05 9.15 21.99
N GLN E 72 16.88 10.03 21.43
CA GLN E 72 18.02 10.54 22.18
C GLN E 72 17.54 11.27 23.42
N LYS E 73 18.34 11.18 24.48
CA LYS E 73 17.98 11.73 25.78
C LYS E 73 16.63 11.18 26.22
N SER E 74 16.59 9.85 26.32
CA SER E 74 15.37 9.16 26.72
C SER E 74 15.67 7.67 26.87
N LYS E 82 13.44 2.34 29.66
CA LYS E 82 12.71 2.89 28.52
C LYS E 82 12.20 1.78 27.60
N GLY E 83 11.00 1.97 27.05
CA GLY E 83 10.44 0.99 26.15
C GLY E 83 10.98 1.12 24.75
N PRO E 84 10.69 0.13 23.91
CA PRO E 84 11.21 0.12 22.55
C PRO E 84 10.40 0.92 21.54
N GLU E 85 9.31 1.56 21.96
CA GLU E 85 8.34 2.09 21.00
C GLU E 85 8.95 3.18 20.12
N VAL E 86 9.70 4.11 20.71
CA VAL E 86 10.23 5.23 19.94
C VAL E 86 11.23 4.73 18.90
N ARG E 87 12.15 3.85 19.30
CA ARG E 87 13.08 3.28 18.33
C ARG E 87 12.34 2.55 17.21
N GLU E 88 11.34 1.74 17.57
CA GLU E 88 10.62 0.98 16.56
C GLU E 88 9.97 1.90 15.54
N TYR E 89 9.34 2.97 16.00
CA TYR E 89 8.66 3.88 15.07
C TYR E 89 9.67 4.70 14.28
N ARG E 90 10.78 5.06 14.91
CA ARG E 90 11.85 5.74 14.19
C ARG E 90 12.40 4.84 13.07
N GLU E 91 12.56 3.55 13.36
CA GLU E 91 13.03 2.60 12.35
C GLU E 91 12.04 2.44 11.20
N LYS E 92 10.74 2.48 11.51
CA LYS E 92 9.72 2.41 10.46
C LYS E 92 9.84 3.60 9.52
N VAL E 93 9.96 4.80 10.08
CA VAL E 93 10.07 6.00 9.26
C VAL E 93 11.36 5.95 8.45
N GLU E 94 12.45 5.54 9.09
CA GLU E 94 13.74 5.41 8.42
C GLU E 94 13.65 4.47 7.23
N THR E 95 13.00 3.32 7.41
CA THR E 95 12.86 2.36 6.33
C THR E 95 12.07 2.94 5.16
N GLU E 96 11.02 3.71 5.45
CA GLU E 96 10.24 4.33 4.40
C GLU E 96 11.08 5.37 3.67
N LEU E 97 11.84 6.16 4.41
N LEU E 97 11.85 6.16 4.41
CA LEU E 97 12.72 7.17 3.80
CA LEU E 97 12.73 7.16 3.82
C LEU E 97 13.73 6.50 2.87
C LEU E 97 13.74 6.52 2.89
N GLN E 98 14.39 5.45 3.34
CA GLN E 98 15.36 4.75 2.50
C GLN E 98 14.70 4.23 1.23
N GLY E 99 13.46 3.76 1.34
CA GLY E 99 12.75 3.29 0.14
C GLY E 99 12.56 4.38 -0.89
N VAL E 100 12.22 5.59 -0.45
CA VAL E 100 12.05 6.69 -1.39
C VAL E 100 13.39 7.10 -2.01
N CYS E 101 14.45 7.16 -1.20
CA CYS E 101 15.75 7.50 -1.76
C CYS E 101 16.20 6.45 -2.75
N ASP E 102 15.98 5.17 -2.45
CA ASP E 102 16.36 4.12 -3.40
C ASP E 102 15.57 4.25 -4.70
N THR E 103 14.30 4.67 -4.63
CA THR E 103 13.51 4.87 -5.85
C THR E 103 14.10 5.98 -6.70
N VAL E 104 14.37 7.14 -6.09
CA VAL E 104 14.96 8.26 -6.83
C VAL E 104 16.30 7.85 -7.43
N LEU E 105 17.17 7.26 -6.63
CA LEU E 105 18.50 6.88 -7.13
C LEU E 105 18.39 5.87 -8.26
N GLY E 106 17.43 4.94 -8.18
CA GLY E 106 17.20 4.02 -9.27
C GLY E 106 16.77 4.74 -10.55
N LEU E 107 15.89 5.74 -10.41
CA LEU E 107 15.44 6.50 -11.58
C LEU E 107 16.59 7.28 -12.21
N LEU E 108 17.44 7.86 -11.37
CA LEU E 108 18.59 8.61 -11.88
C LEU E 108 19.53 7.70 -12.65
N ASP E 109 19.86 6.55 -12.07
CA ASP E 109 20.79 5.63 -12.70
C ASP E 109 20.20 5.02 -13.98
N SER E 110 18.95 4.54 -13.89
CA SER E 110 18.37 3.79 -15.00
C SER E 110 17.92 4.67 -16.15
N HIS E 111 17.53 5.92 -15.89
CA HIS E 111 16.89 6.71 -16.93
C HIS E 111 17.48 8.09 -17.16
N LEU E 112 17.93 8.79 -16.12
CA LEU E 112 18.14 10.23 -16.24
C LEU E 112 19.59 10.66 -16.41
N ILE E 113 20.52 10.01 -15.73
CA ILE E 113 21.93 10.41 -15.82
C ILE E 113 22.51 9.84 -17.12
N LYS E 114 23.02 10.74 -17.97
CA LYS E 114 23.55 10.37 -19.28
C LYS E 114 24.74 11.25 -19.58
N GLU E 115 25.58 10.77 -20.51
CA GLU E 115 26.72 11.57 -20.97
C GLU E 115 26.27 12.72 -21.87
N ALA E 116 25.13 12.60 -22.53
CA ALA E 116 24.67 13.60 -23.49
C ALA E 116 23.96 14.74 -22.77
N GLY E 117 23.63 15.77 -23.53
CA GLY E 117 22.77 16.84 -23.06
C GLY E 117 23.55 18.04 -22.54
N ASP E 118 22.79 19.09 -22.26
CA ASP E 118 23.40 20.33 -21.82
C ASP E 118 23.87 20.21 -20.37
N ALA E 119 24.67 21.19 -19.96
CA ALA E 119 25.24 21.18 -18.62
C ALA E 119 24.17 21.28 -17.55
N GLU E 120 23.14 22.10 -17.78
CA GLU E 120 22.07 22.26 -16.82
C GLU E 120 21.47 20.91 -16.43
N SER E 121 21.18 20.08 -17.44
CA SER E 121 20.55 18.79 -17.18
C SER E 121 21.53 17.84 -16.50
N ARG E 122 22.77 17.75 -16.99
CA ARG E 122 23.73 16.83 -16.40
C ARG E 122 24.05 17.20 -14.95
N VAL E 123 24.22 18.50 -14.67
CA VAL E 123 24.52 18.90 -13.30
C VAL E 123 23.31 18.69 -12.40
N PHE E 124 22.11 18.99 -12.91
CA PHE E 124 20.91 18.85 -12.13
C PHE E 124 20.76 17.42 -11.60
N TYR E 125 20.94 16.43 -12.48
CA TYR E 125 20.73 15.04 -12.08
C TYR E 125 21.87 14.53 -11.21
N LEU E 126 23.11 14.95 -11.45
CA LEU E 126 24.19 14.47 -10.59
C LEU E 126 24.11 15.08 -9.21
N LYS E 127 23.66 16.33 -9.11
CA LYS E 127 23.41 16.94 -7.82
C LYS E 127 22.31 16.19 -7.07
N MET E 128 21.22 15.89 -7.76
CA MET E 128 20.15 15.10 -7.16
C MET E 128 20.69 13.78 -6.63
N LYS E 129 21.57 13.13 -7.37
CA LYS E 129 22.15 11.88 -6.90
C LYS E 129 22.91 12.10 -5.61
N GLY E 130 23.76 13.13 -5.57
CA GLY E 130 24.46 13.46 -4.34
C GLY E 130 23.51 13.75 -3.18
N ASP E 131 22.43 14.49 -3.46
CA ASP E 131 21.47 14.84 -2.41
C ASP E 131 20.84 13.59 -1.79
N TYR E 132 20.37 12.67 -2.65
CA TYR E 132 19.64 11.54 -2.09
C TYR E 132 20.57 10.52 -1.45
N TYR E 133 21.84 10.43 -1.90
CA TYR E 133 22.81 9.68 -1.10
C TYR E 133 23.06 10.38 0.23
N ARG E 134 23.09 11.71 0.24
CA ARG E 134 23.26 12.43 1.50
C ARG E 134 22.11 12.14 2.45
N TYR E 135 20.87 12.06 1.93
CA TYR E 135 19.75 11.77 2.81
C TYR E 135 19.86 10.35 3.36
N LEU E 136 20.37 9.41 2.58
CA LEU E 136 20.63 8.08 3.12
C LEU E 136 21.69 8.13 4.20
N ALA E 137 22.74 8.94 3.99
CA ALA E 137 23.82 9.04 4.96
C ALA E 137 23.35 9.61 6.29
N GLU E 138 22.35 10.51 6.26
CA GLU E 138 21.84 11.07 7.50
C GLU E 138 21.34 10.01 8.48
N VAL E 139 20.90 8.85 7.97
CA VAL E 139 20.31 7.83 8.84
C VAL E 139 21.13 6.54 8.88
N ALA E 140 22.21 6.44 8.11
CA ALA E 140 22.96 5.20 8.04
C ALA E 140 23.99 5.10 9.16
N THR E 141 24.52 3.89 9.35
CA THR E 141 25.56 3.62 10.32
C THR E 141 26.59 2.67 9.72
N GLY E 142 27.76 2.61 10.37
CA GLY E 142 28.74 1.56 10.11
C GLY E 142 29.31 1.57 8.70
N ASP E 143 29.62 0.36 8.21
CA ASP E 143 30.24 0.22 6.90
C ASP E 143 29.35 0.77 5.81
N ASP E 144 28.04 0.58 5.95
CA ASP E 144 27.09 1.12 4.97
C ASP E 144 27.23 2.63 4.85
N LYS E 145 27.26 3.32 5.99
CA LYS E 145 27.37 4.78 5.96
C LYS E 145 28.63 5.22 5.23
N LYS E 146 29.74 4.51 5.44
CA LYS E 146 30.99 4.85 4.78
C LYS E 146 30.86 4.71 3.27
N ARG E 147 30.22 3.63 2.80
CA ARG E 147 29.99 3.46 1.37
C ARG E 147 29.12 4.57 0.81
N ILE E 148 28.04 4.92 1.53
CA ILE E 148 27.10 5.94 1.08
C ILE E 148 27.80 7.30 0.98
N ILE E 149 28.62 7.62 1.99
CA ILE E 149 29.36 8.88 1.97
C ILE E 149 30.24 8.98 0.75
N ASP E 150 30.95 7.91 0.41
CA ASP E 150 31.80 7.94 -0.78
C ASP E 150 30.97 8.09 -2.05
N SER E 151 29.80 7.44 -2.10
CA SER E 151 28.94 7.58 -3.28
C SER E 151 28.43 9.01 -3.41
N ALA E 152 28.05 9.64 -2.29
CA ALA E 152 27.58 11.02 -2.35
C ALA E 152 28.69 11.95 -2.80
N ARG E 153 29.88 11.78 -2.23
CA ARG E 153 31.02 12.62 -2.60
C ARG E 153 31.31 12.49 -4.09
N SER E 154 31.32 11.25 -4.59
CA SER E 154 31.64 11.01 -5.99
C SER E 154 30.65 11.69 -6.92
N ALA E 155 29.36 11.60 -6.60
CA ALA E 155 28.33 12.26 -7.41
C ALA E 155 28.48 13.77 -7.36
N TYR E 156 28.65 14.32 -6.15
CA TYR E 156 28.79 15.76 -6.01
C TYR E 156 30.01 16.26 -6.75
N GLN E 157 31.11 15.52 -6.67
CA GLN E 157 32.35 15.97 -7.30
C GLN E 157 32.24 15.93 -8.81
N GLU E 158 31.59 14.89 -9.36
CA GLU E 158 31.36 14.87 -10.80
C GLU E 158 30.51 16.06 -11.24
N ALA E 159 29.48 16.39 -10.45
CA ALA E 159 28.65 17.55 -10.77
C ALA E 159 29.47 18.85 -10.67
N MET E 160 30.31 18.95 -9.64
CA MET E 160 31.16 20.14 -9.49
C MET E 160 32.10 20.30 -10.67
N ASP E 161 32.74 19.22 -11.10
CA ASP E 161 33.69 19.30 -12.20
C ASP E 161 33.02 19.84 -13.47
N ILE E 162 31.78 19.39 -13.72
CA ILE E 162 31.03 19.91 -14.87
C ILE E 162 30.68 21.37 -14.65
N SER E 163 30.13 21.71 -13.48
CA SER E 163 29.62 23.05 -13.27
C SER E 163 30.74 24.09 -13.40
N LYS E 164 31.95 23.75 -12.98
CA LYS E 164 33.04 24.72 -13.04
C LYS E 164 33.57 24.90 -14.45
N LYS E 165 33.43 23.90 -15.31
CA LYS E 165 33.86 24.03 -16.71
C LYS E 165 32.77 24.56 -17.62
N GLU E 166 31.49 24.31 -17.31
CA GLU E 166 30.42 24.56 -18.27
C GLU E 166 29.38 25.57 -17.82
N MET E 167 29.48 26.12 -16.61
CA MET E 167 28.49 27.08 -16.14
C MET E 167 29.18 28.31 -15.56
N PRO E 168 28.53 29.46 -15.59
CA PRO E 168 29.08 30.66 -14.93
C PRO E 168 28.93 30.55 -13.42
N PRO E 169 29.77 31.26 -12.66
CA PRO E 169 29.74 31.10 -11.19
C PRO E 169 28.47 31.62 -10.52
N THR E 170 27.63 32.38 -11.22
CA THR E 170 26.35 32.82 -10.67
C THR E 170 25.18 31.92 -11.05
N ASN E 171 25.42 30.88 -11.84
CA ASN E 171 24.32 30.01 -12.26
C ASN E 171 23.65 29.40 -11.03
N PRO E 172 22.31 29.48 -10.91
CA PRO E 172 21.67 28.98 -9.69
C PRO E 172 21.85 27.49 -9.44
N ILE E 173 21.94 26.68 -10.50
CA ILE E 173 22.17 25.25 -10.30
C ILE E 173 23.57 25.02 -9.75
N ARG E 174 24.58 25.71 -10.31
CA ARG E 174 25.93 25.59 -9.81
C ARG E 174 26.03 26.05 -8.37
N LEU E 175 25.28 27.10 -8.02
CA LEU E 175 25.30 27.62 -6.67
C LEU E 175 24.61 26.66 -5.69
N GLY E 176 23.44 26.13 -6.06
CA GLY E 176 22.77 25.19 -5.19
C GLY E 176 23.53 23.91 -5.00
N LEU E 177 24.27 23.49 -6.02
CA LEU E 177 25.16 22.33 -5.91
C LEU E 177 26.27 22.58 -4.91
N ALA E 178 26.97 23.70 -5.04
CA ALA E 178 28.02 24.03 -4.09
C ALA E 178 27.48 24.16 -2.67
N LEU E 179 26.30 24.78 -2.51
CA LEU E 179 25.71 24.89 -1.19
C LEU E 179 25.47 23.52 -0.57
N ASN E 180 24.94 22.58 -1.34
CA ASN E 180 24.62 21.28 -0.79
C ASN E 180 25.88 20.45 -0.53
N PHE E 181 26.86 20.55 -1.42
CA PHE E 181 28.12 19.85 -1.23
C PHE E 181 28.85 20.36 0.01
N SER E 182 28.77 21.66 0.28
CA SER E 182 29.39 22.19 1.49
C SER E 182 28.67 21.71 2.74
N VAL E 183 27.34 21.59 2.67
CA VAL E 183 26.59 21.00 3.78
C VAL E 183 27.02 19.55 3.99
N PHE E 184 27.17 18.82 2.88
CA PHE E 184 27.70 17.46 2.95
C PHE E 184 29.05 17.43 3.66
N HIS E 185 29.94 18.35 3.28
CA HIS E 185 31.26 18.40 3.90
C HIS E 185 31.14 18.62 5.41
N TYR E 186 30.31 19.57 5.83
CA TYR E 186 30.23 19.93 7.24
C TYR E 186 29.50 18.87 8.05
N GLU E 187 28.31 18.48 7.59
CA GLU E 187 27.40 17.68 8.41
C GLU E 187 27.61 16.19 8.27
N ILE E 188 28.01 15.70 7.09
CA ILE E 188 28.08 14.27 6.82
C ILE E 188 29.52 13.77 6.88
N ALA E 189 30.45 14.51 6.27
CA ALA E 189 31.81 14.03 6.06
C ALA E 189 32.78 14.49 7.14
N ASN E 190 32.32 15.29 8.09
CA ASN E 190 33.17 15.73 9.21
C ASN E 190 34.35 16.54 8.70
N SER E 191 34.11 17.37 7.69
CA SER E 191 35.16 18.18 7.06
C SER E 191 34.75 19.65 7.10
N PRO E 192 34.74 20.25 8.28
CA PRO E 192 34.31 21.65 8.39
C PRO E 192 35.18 22.61 7.59
N GLU E 193 36.48 22.33 7.50
CA GLU E 193 37.37 23.22 6.75
C GLU E 193 37.04 23.21 5.27
N GLU E 194 36.72 22.04 4.72
CA GLU E 194 36.35 21.95 3.30
C GLU E 194 34.99 22.60 3.07
N ALA E 195 34.05 22.42 3.99
CA ALA E 195 32.76 23.08 3.89
C ALA E 195 32.92 24.59 3.85
N ILE E 196 33.65 25.14 4.83
CA ILE E 196 33.84 26.59 4.92
C ILE E 196 34.54 27.11 3.67
N SER E 197 35.63 26.45 3.27
CA SER E 197 36.36 26.86 2.08
C SER E 197 35.45 26.87 0.86
N LEU E 198 34.75 25.76 0.60
CA LEU E 198 33.91 25.69 -0.59
C LEU E 198 32.83 26.77 -0.58
N ALA E 199 32.22 27.00 0.59
CA ALA E 199 31.14 27.99 0.65
C ALA E 199 31.68 29.41 0.45
N LYS E 200 32.88 29.70 0.95
CA LYS E 200 33.46 31.01 0.77
C LYS E 200 33.83 31.25 -0.68
N THR E 201 34.64 30.34 -1.25
CA THR E 201 35.02 30.43 -2.65
C THR E 201 33.81 30.58 -3.56
N THR E 202 32.76 29.79 -3.31
CA THR E 202 31.55 29.85 -4.13
C THR E 202 30.89 31.21 -4.02
N PHE E 203 30.76 31.72 -2.80
CA PHE E 203 30.18 33.04 -2.62
C PHE E 203 31.04 34.10 -3.29
N ASP E 204 32.35 34.06 -3.03
CA ASP E 204 33.26 35.07 -3.57
C ASP E 204 33.14 35.15 -5.08
N GLU E 205 33.16 34.01 -5.77
CA GLU E 205 33.18 34.01 -7.23
C GLU E 205 31.82 34.40 -7.80
N ALA E 206 30.73 34.12 -7.10
CA ALA E 206 29.43 34.64 -7.52
C ALA E 206 29.40 36.16 -7.40
N MET E 207 29.89 36.69 -6.28
CA MET E 207 29.87 38.13 -6.06
C MET E 207 30.72 38.86 -7.10
N ALA E 208 31.89 38.31 -7.43
CA ALA E 208 32.77 38.93 -8.39
C ALA E 208 32.16 39.01 -9.79
N ASP E 209 31.15 38.19 -10.08
CA ASP E 209 30.54 38.10 -11.40
C ASP E 209 29.09 38.58 -11.41
N LEU E 210 28.62 39.18 -10.33
CA LEU E 210 27.19 39.49 -10.23
C LEU E 210 26.73 40.44 -11.33
N HIS E 211 27.63 41.26 -11.85
CA HIS E 211 27.25 42.23 -12.88
C HIS E 211 26.82 41.55 -14.17
N THR E 212 27.36 40.36 -14.45
CA THR E 212 27.01 39.61 -15.66
C THR E 212 25.77 38.74 -15.47
N LEU E 213 24.85 39.13 -14.60
CA LEU E 213 23.71 38.30 -14.22
C LEU E 213 22.50 38.68 -15.07
N SER E 214 21.91 37.69 -15.71
CA SER E 214 20.69 37.91 -16.49
C SER E 214 19.49 37.99 -15.56
N GLU E 215 18.65 39.00 -15.78
CA GLU E 215 17.54 39.31 -14.87
C GLU E 215 16.78 38.08 -14.41
N ASP E 216 16.47 37.18 -15.34
CA ASP E 216 15.71 35.98 -15.01
C ASP E 216 16.24 35.29 -13.75
N SER E 217 17.56 35.16 -13.65
CA SER E 217 18.20 34.46 -12.54
C SER E 217 18.83 35.43 -11.54
N TYR E 218 18.11 36.48 -11.15
CA TYR E 218 18.60 37.36 -10.09
C TYR E 218 18.20 36.84 -8.71
N LYS E 219 16.89 36.79 -8.45
CA LYS E 219 16.41 36.28 -7.16
C LYS E 219 16.97 34.89 -6.90
N ASP E 220 16.92 34.03 -7.92
CA ASP E 220 17.41 32.66 -7.76
C ASP E 220 18.85 32.65 -7.27
N SER E 221 19.71 33.47 -7.86
CA SER E 221 21.13 33.47 -7.49
C SER E 221 21.34 34.06 -6.10
N THR E 222 20.80 35.26 -5.86
CA THR E 222 21.07 35.94 -4.59
C THR E 222 20.42 35.21 -3.42
N LEU E 223 19.30 34.53 -3.64
CA LEU E 223 18.71 33.71 -2.59
C LEU E 223 19.69 32.67 -2.10
N ILE E 224 20.35 31.98 -3.04
CA ILE E 224 21.30 30.92 -2.65
C ILE E 224 22.55 31.53 -2.05
N MET E 225 23.02 32.65 -2.60
CA MET E 225 24.15 33.34 -1.98
C MET E 225 23.84 33.67 -0.52
N GLN E 226 22.59 34.04 -0.24
CA GLN E 226 22.16 34.32 1.12
C GLN E 226 22.27 33.06 1.99
N LEU E 227 21.84 31.92 1.47
CA LEU E 227 21.93 30.68 2.23
C LEU E 227 23.38 30.33 2.54
N LEU E 228 24.27 30.52 1.57
CA LEU E 228 25.70 30.25 1.79
C LEU E 228 26.24 31.11 2.93
N ARG E 229 25.94 32.41 2.91
CA ARG E 229 26.45 33.30 3.95
C ARG E 229 25.90 32.90 5.32
N ASP E 230 24.62 32.53 5.37
CA ASP E 230 24.00 32.19 6.65
C ASP E 230 24.54 30.88 7.21
N ASN E 231 24.93 29.94 6.34
CA ASN E 231 25.65 28.77 6.83
C ASN E 231 27.04 29.16 7.32
N LEU E 232 27.72 30.06 6.61
CA LEU E 232 29.06 30.47 7.03
C LEU E 232 29.02 31.12 8.41
N THR E 233 27.99 31.91 8.69
CA THR E 233 27.81 32.45 10.03
C THR E 233 27.85 31.35 11.08
N LEU E 234 27.27 30.19 10.77
CA LEU E 234 27.14 29.13 11.76
C LEU E 234 28.44 28.35 11.92
N TRP E 235 29.16 28.10 10.82
CA TRP E 235 30.36 27.28 10.89
C TRP E 235 31.59 28.05 11.33
N THR E 236 31.45 29.35 11.63
CA THR E 236 32.58 30.16 12.10
C THR E 236 32.24 30.83 13.41
N ARG F 4 21.71 23.53 12.05
CA ARG F 4 21.01 24.80 11.84
C ARG F 4 21.17 25.30 10.41
N HIS F 5 22.11 24.70 9.68
CA HIS F 5 22.42 25.14 8.33
C HIS F 5 21.31 24.73 7.37
N LYS F 6 21.34 25.34 6.18
CA LYS F 6 20.28 25.17 5.19
C LYS F 6 20.85 24.63 3.89
N SEP F 7 20.07 23.81 3.21
CA SEP F 7 20.44 23.30 1.90
CB SEP F 7 20.24 21.80 1.82
OG SEP F 7 18.88 21.51 2.01
C SEP F 7 19.59 24.02 0.87
O SEP F 7 18.71 24.79 1.23
P SEP F 7 18.56 19.93 2.08
O1P SEP F 7 16.99 19.79 2.32
O2P SEP F 7 19.37 19.29 3.31
O3P SEP F 7 19.00 19.21 0.70
HA SEP F 7 21.39 23.51 1.72
HB2 SEP F 7 20.76 21.35 2.51
HB3 SEP F 7 20.51 21.48 0.94
N ASP F 8 19.83 23.74 -0.41
CA ASP F 8 19.10 24.40 -1.49
C ASP F 8 17.60 24.25 -1.32
N SER F 9 16.88 25.36 -1.50
CA SER F 9 15.46 25.42 -1.20
C SER F 9 14.63 25.71 -2.45
N GLY G 1 37.17 -1.59 12.22
CA GLY G 1 36.04 -2.13 13.02
C GLY G 1 36.50 -2.86 14.27
N ALA G 2 35.69 -3.82 14.72
CA ALA G 2 35.96 -4.54 15.95
C ALA G 2 37.23 -5.40 15.88
N MET G 3 37.77 -5.65 14.69
CA MET G 3 38.96 -6.48 14.54
C MET G 3 40.19 -5.66 14.22
N GLY G 4 40.09 -4.32 14.22
CA GLY G 4 41.18 -3.48 13.76
C GLY G 4 42.42 -3.59 14.60
N SER G 5 42.27 -3.95 15.88
CA SER G 5 43.43 -4.03 16.76
C SER G 5 44.10 -5.39 16.73
N MET G 6 43.55 -6.37 16.00
CA MET G 6 44.09 -7.72 15.97
C MET G 6 44.97 -7.93 14.74
N GLU G 7 46.10 -8.61 14.96
CA GLU G 7 47.01 -8.99 13.88
C GLU G 7 46.30 -9.85 12.83
N ARG G 8 46.64 -9.61 11.56
CA ARG G 8 46.08 -10.40 10.47
C ARG G 8 46.24 -11.90 10.71
N ALA G 9 47.45 -12.33 11.10
CA ALA G 9 47.70 -13.76 11.24
C ALA G 9 46.89 -14.36 12.37
N SER G 10 46.63 -13.58 13.44
CA SER G 10 45.79 -14.07 14.51
C SER G 10 44.33 -14.17 14.07
N LEU G 11 43.89 -13.25 13.21
CA LEU G 11 42.53 -13.33 12.68
C LEU G 11 42.34 -14.59 11.86
N ILE G 12 43.33 -14.95 11.03
CA ILE G 12 43.22 -16.18 10.25
C ILE G 12 43.23 -17.39 11.17
N GLN G 13 44.15 -17.43 12.14
CA GLN G 13 44.17 -18.52 13.12
C GLN G 13 42.81 -18.68 13.79
N LYS G 14 42.22 -17.57 14.22
CA LYS G 14 40.95 -17.65 14.95
C LYS G 14 39.80 -18.05 14.02
N ALA G 15 39.85 -17.64 12.76
CA ALA G 15 38.87 -18.14 11.79
C ALA G 15 38.92 -19.66 11.70
N LYS G 16 40.13 -20.23 11.72
CA LYS G 16 40.26 -21.67 11.65
C LYS G 16 39.74 -22.34 12.91
N LEU G 17 40.01 -21.75 14.07
CA LEU G 17 39.44 -22.27 15.31
C LEU G 17 37.91 -22.21 15.29
N ALA G 18 37.35 -21.10 14.82
CA ALA G 18 35.91 -20.97 14.77
C ALA G 18 35.30 -22.04 13.87
N GLU G 19 35.94 -22.31 12.74
CA GLU G 19 35.50 -23.39 11.86
C GLU G 19 35.47 -24.72 12.61
N GLN G 20 36.55 -25.03 13.35
CA GLN G 20 36.58 -26.27 14.11
C GLN G 20 35.43 -26.33 15.11
N ALA G 21 35.10 -25.19 15.73
CA ALA G 21 33.99 -25.13 16.67
C ALA G 21 32.65 -24.94 15.99
N GLU G 22 32.62 -24.91 14.66
CA GLU G 22 31.38 -24.75 13.90
C GLU G 22 30.68 -23.44 14.27
N ARG G 23 31.47 -22.40 14.52
CA ARG G 23 30.95 -21.07 14.86
C ARG G 23 31.15 -20.17 13.65
N TYR G 24 30.23 -20.27 12.69
CA TYR G 24 30.49 -19.65 11.39
C TYR G 24 30.28 -18.14 11.40
N GLU G 25 29.40 -17.62 12.25
CA GLU G 25 29.30 -16.17 12.40
C GLU G 25 30.61 -15.58 12.91
N ASP G 26 31.22 -16.21 13.93
CA ASP G 26 32.55 -15.78 14.36
C ASP G 26 33.56 -15.87 13.24
N MET G 27 33.58 -17.02 12.54
CA MET G 27 34.54 -17.24 11.47
C MET G 27 34.43 -16.15 10.41
N ALA G 28 33.20 -15.81 10.03
CA ALA G 28 32.99 -14.75 9.05
C ALA G 28 33.50 -13.41 9.57
N ALA G 29 33.28 -13.12 10.86
CA ALA G 29 33.75 -11.85 11.41
C ALA G 29 35.28 -11.79 11.44
N PHE G 30 35.94 -12.90 11.79
CA PHE G 30 37.40 -12.93 11.75
C PHE G 30 37.91 -12.74 10.32
N MET G 31 37.30 -13.43 9.36
CA MET G 31 37.76 -13.29 7.97
C MET G 31 37.50 -11.88 7.43
N LYS G 32 36.38 -11.27 7.81
CA LYS G 32 36.14 -9.88 7.43
C LYS G 32 37.24 -8.98 7.96
N GLY G 33 37.62 -9.15 9.22
CA GLY G 33 38.73 -8.38 9.76
C GLY G 33 40.02 -8.58 8.99
N ALA G 34 40.30 -9.82 8.60
CA ALA G 34 41.49 -10.09 7.80
C ALA G 34 41.42 -9.36 6.45
N VAL G 35 40.29 -9.45 5.76
CA VAL G 35 40.14 -8.76 4.48
C VAL G 35 40.40 -7.27 4.65
N GLU G 36 39.88 -6.68 5.72
CA GLU G 36 40.01 -5.25 5.95
C GLU G 36 41.46 -4.82 6.20
N LYS G 37 42.40 -5.75 6.36
CA LYS G 37 43.80 -5.37 6.44
C LYS G 37 44.34 -4.87 5.11
N GLY G 38 43.65 -5.18 4.01
CA GLY G 38 44.01 -4.64 2.72
C GLY G 38 44.99 -5.46 1.91
N GLU G 39 45.42 -6.60 2.42
CA GLU G 39 46.30 -7.50 1.69
C GLU G 39 45.48 -8.53 0.94
N GLU G 40 46.00 -8.95 -0.22
CA GLU G 40 45.34 -9.97 -1.01
C GLU G 40 45.17 -11.24 -0.18
N LEU G 41 44.11 -11.99 -0.48
CA LEU G 41 43.88 -13.28 0.14
C LEU G 41 44.56 -14.37 -0.67
N SER G 42 45.15 -15.33 0.03
CA SER G 42 45.64 -16.54 -0.61
C SER G 42 44.45 -17.43 -1.00
N CYS G 43 44.74 -18.47 -1.78
CA CYS G 43 43.70 -19.43 -2.13
C CYS G 43 43.08 -20.06 -0.88
N GLU G 44 43.90 -20.41 0.12
CA GLU G 44 43.35 -20.94 1.36
C GLU G 44 42.47 -19.90 2.05
N GLU G 45 42.91 -18.65 2.06
CA GLU G 45 42.17 -17.61 2.77
C GLU G 45 40.87 -17.26 2.06
N ARG G 46 40.89 -17.21 0.72
CA ARG G 46 39.66 -17.02 -0.04
C ARG G 46 38.61 -18.05 0.35
N ASN G 47 39.02 -19.31 0.42
CA ASN G 47 38.08 -20.38 0.71
C ASN G 47 37.60 -20.33 2.16
N LEU G 48 38.42 -19.85 3.08
CA LEU G 48 37.95 -19.61 4.45
C LEU G 48 36.85 -18.55 4.45
N LEU G 49 37.07 -17.46 3.72
CA LEU G 49 36.05 -16.41 3.62
C LEU G 49 34.75 -16.97 3.04
N SER G 50 34.86 -17.73 1.96
CA SER G 50 33.68 -18.24 1.28
C SER G 50 32.93 -19.24 2.15
N VAL G 51 33.66 -20.13 2.83
CA VAL G 51 33.03 -21.13 3.67
C VAL G 51 32.27 -20.47 4.82
N ALA G 52 32.88 -19.46 5.45
CA ALA G 52 32.23 -18.83 6.58
C ALA G 52 30.92 -18.18 6.18
N TYR G 53 30.95 -17.33 5.16
CA TYR G 53 29.73 -16.62 4.79
C TYR G 53 28.71 -17.54 4.13
N LYS G 54 29.14 -18.56 3.40
N LYS G 54 29.16 -18.55 3.40
CA LYS G 54 28.20 -19.51 2.82
CA LYS G 54 28.23 -19.53 2.82
C LYS G 54 27.41 -20.23 3.91
C LYS G 54 27.42 -20.23 3.90
N ASN G 55 28.07 -20.57 5.01
CA ASN G 55 27.36 -21.23 6.11
C ASN G 55 26.39 -20.27 6.80
N VAL G 56 26.78 -19.00 6.93
CA VAL G 56 25.89 -18.03 7.57
C VAL G 56 24.65 -17.78 6.72
N VAL G 57 24.86 -17.42 5.45
CA VAL G 57 23.72 -17.11 4.59
C VAL G 57 22.93 -18.37 4.30
N GLY G 58 23.59 -19.53 4.29
CA GLY G 58 22.89 -20.78 4.06
C GLY G 58 21.84 -21.07 5.12
N GLY G 59 22.19 -20.87 6.39
CA GLY G 59 21.23 -21.09 7.45
C GLY G 59 20.09 -20.08 7.40
N GLN G 60 20.39 -18.83 7.01
CA GLN G 60 19.35 -17.82 6.88
C GLN G 60 18.45 -18.12 5.69
N ARG G 61 19.04 -18.56 4.57
CA ARG G 61 18.22 -18.94 3.42
C ARG G 61 17.28 -20.09 3.77
N ALA G 62 17.80 -21.09 4.50
CA ALA G 62 16.98 -22.24 4.86
C ALA G 62 15.84 -21.85 5.80
N ALA G 63 16.11 -20.95 6.74
CA ALA G 63 15.06 -20.48 7.63
C ALA G 63 14.03 -19.67 6.86
N TRP G 64 14.48 -18.83 5.94
CA TRP G 64 13.55 -18.04 5.14
C TRP G 64 12.63 -18.95 4.34
N ARG G 65 13.17 -20.04 3.79
CA ARG G 65 12.35 -21.01 3.06
C ARG G 65 11.32 -21.65 3.98
N VAL G 66 11.73 -22.09 5.18
CA VAL G 66 10.78 -22.70 6.12
C VAL G 66 9.65 -21.73 6.42
N LEU G 67 9.98 -20.47 6.70
CA LEU G 67 8.96 -19.50 7.07
C LEU G 67 8.11 -19.10 5.87
N SER G 68 8.75 -18.89 4.71
CA SER G 68 8.00 -18.57 3.50
C SER G 68 6.97 -19.66 3.19
N SER G 69 7.36 -20.92 3.38
CA SER G 69 6.45 -22.04 3.13
C SER G 69 5.25 -21.98 4.08
N ILE G 70 5.52 -21.84 5.38
CA ILE G 70 4.42 -21.66 6.35
C ILE G 70 3.56 -20.48 5.95
N GLU G 71 4.18 -19.40 5.47
CA GLU G 71 3.42 -18.23 5.07
C GLU G 71 2.57 -18.50 3.84
N GLN G 72 3.02 -19.42 2.98
CA GLN G 72 2.23 -19.88 1.83
C GLN G 72 2.08 -18.79 0.78
N GLY G 83 -3.07 -14.07 11.73
CA GLY G 83 -2.50 -12.81 12.15
C GLY G 83 -1.22 -12.47 11.41
N PRO G 84 -0.57 -11.36 11.80
CA PRO G 84 0.62 -10.90 11.08
C PRO G 84 1.92 -11.60 11.46
N GLU G 85 1.88 -12.55 12.40
CA GLU G 85 3.10 -13.00 13.07
C GLU G 85 4.06 -13.72 12.11
N VAL G 86 3.55 -14.59 11.25
CA VAL G 86 4.43 -15.33 10.35
C VAL G 86 5.11 -14.38 9.37
N ARG G 87 4.35 -13.45 8.79
CA ARG G 87 4.95 -12.47 7.90
C ARG G 87 6.01 -11.66 8.62
N GLU G 88 5.69 -11.16 9.82
CA GLU G 88 6.63 -10.33 10.56
C GLU G 88 7.93 -11.06 10.80
N TYR G 89 7.87 -12.33 11.21
CA TYR G 89 9.09 -13.06 11.49
C TYR G 89 9.83 -13.42 10.20
N ARG G 90 9.11 -13.74 9.14
CA ARG G 90 9.76 -13.96 7.86
C ARG G 90 10.50 -12.69 7.41
N GLU G 91 9.90 -11.51 7.63
CA GLU G 91 10.56 -10.26 7.28
C GLU G 91 11.82 -10.02 8.12
N LYS G 92 11.76 -10.38 9.41
CA LYS G 92 12.94 -10.25 10.26
C LYS G 92 14.09 -11.07 9.70
N VAL G 93 13.84 -12.34 9.40
CA VAL G 93 14.87 -13.22 8.85
C VAL G 93 15.34 -12.70 7.52
N GLU G 94 14.41 -12.19 6.71
CA GLU G 94 14.76 -11.65 5.40
C GLU G 94 15.72 -10.47 5.54
N THR G 95 15.43 -9.57 6.48
CA THR G 95 16.26 -8.39 6.67
C THR G 95 17.67 -8.77 7.12
N GLU G 96 17.78 -9.76 8.02
CA GLU G 96 19.10 -10.24 8.45
C GLU G 96 19.84 -10.85 7.28
N LEU G 97 19.15 -11.62 6.43
CA LEU G 97 19.79 -12.23 5.27
C LEU G 97 20.30 -11.17 4.31
N GLN G 98 19.49 -10.14 4.05
CA GLN G 98 19.93 -9.03 3.21
C GLN G 98 21.14 -8.33 3.81
N GLY G 99 21.18 -8.20 5.14
CA GLY G 99 22.32 -7.56 5.78
C GLY G 99 23.61 -8.32 5.55
N VAL G 100 23.55 -9.65 5.62
CA VAL G 100 24.73 -10.48 5.38
C VAL G 100 25.18 -10.36 3.93
N CYS G 101 24.24 -10.43 2.99
CA CYS G 101 24.61 -10.28 1.58
C CYS G 101 25.23 -8.91 1.33
N ASP G 102 24.63 -7.86 1.90
CA ASP G 102 25.18 -6.52 1.74
C ASP G 102 26.59 -6.43 2.31
N THR G 103 26.85 -7.10 3.42
CA THR G 103 28.20 -7.11 3.99
C THR G 103 29.19 -7.78 3.03
N VAL G 104 28.83 -8.94 2.49
CA VAL G 104 29.72 -9.63 1.55
C VAL G 104 29.95 -8.80 0.29
N LEU G 105 28.87 -8.29 -0.31
CA LEU G 105 29.02 -7.49 -1.51
C LEU G 105 29.85 -6.24 -1.24
N GLY G 106 29.70 -5.65 -0.05
CA GLY G 106 30.53 -4.52 0.31
C GLY G 106 32.00 -4.88 0.42
N LEU G 107 32.30 -6.06 0.99
CA LEU G 107 33.69 -6.51 1.06
C LEU G 107 34.26 -6.77 -0.32
N LEU G 108 33.48 -7.40 -1.20
CA LEU G 108 33.93 -7.64 -2.56
C LEU G 108 34.23 -6.33 -3.28
N ASP G 109 33.31 -5.37 -3.19
CA ASP G 109 33.48 -4.11 -3.90
C ASP G 109 34.63 -3.30 -3.32
N SER G 110 34.73 -3.25 -1.98
CA SER G 110 35.69 -2.35 -1.35
C SER G 110 37.09 -2.93 -1.29
N HIS G 111 37.26 -4.25 -1.28
CA HIS G 111 38.57 -4.83 -0.99
C HIS G 111 39.05 -5.92 -1.94
N LEU G 112 38.15 -6.74 -2.48
CA LEU G 112 38.58 -7.99 -3.12
C LEU G 112 38.54 -7.97 -4.63
N ILE G 113 37.58 -7.30 -5.25
CA ILE G 113 37.48 -7.30 -6.71
C ILE G 113 38.44 -6.26 -7.27
N LYS G 114 39.40 -6.71 -8.07
CA LYS G 114 40.44 -5.84 -8.60
C LYS G 114 40.63 -6.14 -10.08
N GLU G 115 41.09 -5.12 -10.82
CA GLU G 115 41.42 -5.30 -12.23
C GLU G 115 42.60 -6.24 -12.42
N ALA G 116 43.46 -6.38 -11.41
CA ALA G 116 44.65 -7.21 -11.50
C ALA G 116 44.45 -8.52 -10.74
N GLY G 117 45.47 -9.35 -10.78
CA GLY G 117 45.45 -10.63 -10.11
C GLY G 117 45.30 -11.79 -11.09
N ASP G 118 45.59 -12.99 -10.60
CA ASP G 118 45.41 -14.19 -11.40
C ASP G 118 43.96 -14.31 -11.86
N ALA G 119 43.75 -15.07 -12.93
CA ALA G 119 42.40 -15.30 -13.43
C ALA G 119 41.56 -16.05 -12.40
N GLU G 120 42.16 -17.01 -11.70
CA GLU G 120 41.43 -17.78 -10.70
C GLU G 120 40.84 -16.88 -9.62
N SER G 121 41.62 -15.90 -9.16
CA SER G 121 41.13 -15.03 -8.10
C SER G 121 40.06 -14.08 -8.62
N ARG G 122 40.26 -13.50 -9.80
CA ARG G 122 39.27 -12.58 -10.35
C ARG G 122 37.94 -13.29 -10.62
N VAL G 123 38.00 -14.50 -11.16
CA VAL G 123 36.77 -15.27 -11.38
C VAL G 123 36.11 -15.61 -10.04
N PHE G 124 36.92 -16.03 -9.07
CA PHE G 124 36.39 -16.46 -7.78
C PHE G 124 35.53 -15.37 -7.15
N TYR G 125 36.02 -14.12 -7.17
CA TYR G 125 35.30 -13.04 -6.51
C TYR G 125 34.12 -12.55 -7.34
N LEU G 126 34.23 -12.55 -8.66
CA LEU G 126 33.08 -12.16 -9.48
C LEU G 126 31.96 -13.20 -9.37
N LYS G 127 32.33 -14.49 -9.31
CA LYS G 127 31.34 -15.53 -9.05
C LYS G 127 30.66 -15.31 -7.70
N MET G 128 31.44 -14.97 -6.67
CA MET G 128 30.87 -14.65 -5.36
C MET G 128 29.90 -13.48 -5.46
N LYS G 129 30.29 -12.43 -6.17
CA LYS G 129 29.40 -11.28 -6.34
C LYS G 129 28.08 -11.71 -6.97
N GLY G 130 28.15 -12.53 -8.03
CA GLY G 130 26.94 -13.04 -8.65
C GLY G 130 26.11 -13.87 -7.70
N ASP G 131 26.76 -14.73 -6.91
CA ASP G 131 26.05 -15.58 -5.96
C ASP G 131 25.27 -14.75 -4.95
N TYR G 132 25.91 -13.74 -4.36
CA TYR G 132 25.23 -13.00 -3.29
C TYR G 132 24.18 -12.04 -3.84
N TYR G 133 24.35 -11.52 -5.06
CA TYR G 133 23.22 -10.84 -5.69
C TYR G 133 22.07 -11.82 -5.94
N ARG G 134 22.40 -13.06 -6.31
CA ARG G 134 21.37 -14.07 -6.53
C ARG G 134 20.62 -14.38 -5.24
N TYR G 135 21.32 -14.44 -4.10
CA TYR G 135 20.62 -14.67 -2.84
C TYR G 135 19.72 -13.47 -2.51
N LEU G 136 20.14 -12.26 -2.85
CA LEU G 136 19.26 -11.11 -2.69
C LEU G 136 18.04 -11.21 -3.59
N ALA G 137 18.23 -11.74 -4.80
CA ALA G 137 17.13 -11.85 -5.75
C ALA G 137 16.12 -12.89 -5.31
N GLU G 138 16.55 -13.89 -4.55
CA GLU G 138 15.62 -14.89 -4.04
C GLU G 138 14.53 -14.27 -3.17
N VAL G 139 14.74 -13.07 -2.61
CA VAL G 139 13.81 -12.47 -1.67
C VAL G 139 13.34 -11.07 -2.07
N ALA G 140 13.80 -10.52 -3.19
CA ALA G 140 13.48 -9.15 -3.54
C ALA G 140 12.18 -9.07 -4.34
N THR G 141 11.74 -7.83 -4.60
CA THR G 141 10.53 -7.57 -5.38
C THR G 141 10.69 -6.29 -6.19
N GLY G 142 9.84 -6.16 -7.20
CA GLY G 142 9.65 -4.92 -7.94
C GLY G 142 10.91 -4.38 -8.58
N ASP G 143 10.99 -3.04 -8.62
CA ASP G 143 12.12 -2.37 -9.29
C ASP G 143 13.45 -2.82 -8.68
N ASP G 144 13.48 -3.07 -7.38
CA ASP G 144 14.73 -3.48 -6.75
C ASP G 144 15.19 -4.84 -7.27
N LYS G 145 14.27 -5.79 -7.40
CA LYS G 145 14.63 -7.10 -7.91
C LYS G 145 15.15 -7.01 -9.34
N LYS G 146 14.55 -6.13 -10.15
CA LYS G 146 15.04 -5.93 -11.51
C LYS G 146 16.49 -5.46 -11.50
N ARG G 147 16.80 -4.47 -10.66
CA ARG G 147 18.18 -4.02 -10.54
C ARG G 147 19.08 -5.14 -10.05
N ILE G 148 18.61 -5.94 -9.08
CA ILE G 148 19.43 -7.01 -8.51
C ILE G 148 19.72 -8.07 -9.56
N ILE G 149 18.71 -8.42 -10.36
CA ILE G 149 18.90 -9.45 -11.38
C ILE G 149 19.95 -9.01 -12.39
N ASP G 150 19.89 -7.74 -12.82
CA ASP G 150 20.85 -7.25 -13.79
C ASP G 150 22.26 -7.21 -13.21
N SER G 151 22.39 -6.81 -11.93
CA SER G 151 23.69 -6.83 -11.29
C SER G 151 24.24 -8.25 -11.21
N ALA G 152 23.41 -9.23 -10.86
CA ALA G 152 23.86 -10.61 -10.82
C ALA G 152 24.31 -11.08 -12.19
N ARG G 153 23.48 -10.85 -13.20
CA ARG G 153 23.83 -11.28 -14.55
C ARG G 153 25.17 -10.69 -14.98
N SER G 154 25.38 -9.40 -14.70
CA SER G 154 26.60 -8.74 -15.14
C SER G 154 27.84 -9.30 -14.45
N ALA G 155 27.75 -9.62 -13.16
CA ALA G 155 28.89 -10.23 -12.48
C ALA G 155 29.16 -11.62 -13.03
N TYR G 156 28.12 -12.45 -13.14
CA TYR G 156 28.30 -13.80 -13.65
C TYR G 156 28.89 -13.79 -15.06
N GLN G 157 28.39 -12.88 -15.91
CA GLN G 157 28.85 -12.86 -17.30
C GLN G 157 30.31 -12.45 -17.40
N GLU G 158 30.72 -11.43 -16.64
CA GLU G 158 32.13 -11.04 -16.65
C GLU G 158 33.01 -12.20 -16.18
N ALA G 159 32.58 -12.92 -15.15
CA ALA G 159 33.34 -14.09 -14.70
C ALA G 159 33.39 -15.15 -15.79
N MET G 160 32.26 -15.40 -16.47
CA MET G 160 32.25 -16.40 -17.54
C MET G 160 33.26 -16.05 -18.62
N ASP G 161 33.25 -14.81 -19.09
CA ASP G 161 34.17 -14.39 -20.14
C ASP G 161 35.61 -14.69 -19.75
N ILE G 162 36.01 -14.31 -18.53
CA ILE G 162 37.37 -14.55 -18.08
C ILE G 162 37.67 -16.05 -18.08
N SER G 163 36.74 -16.85 -17.55
CA SER G 163 37.01 -18.28 -17.38
C SER G 163 37.04 -19.01 -18.71
N LYS G 164 36.26 -18.56 -19.70
CA LYS G 164 36.34 -19.16 -21.03
C LYS G 164 37.70 -18.93 -21.67
N LYS G 165 38.34 -17.80 -21.36
CA LYS G 165 39.58 -17.40 -22.00
C LYS G 165 40.83 -17.87 -21.27
N GLU G 166 40.74 -18.15 -19.97
CA GLU G 166 41.94 -18.33 -19.15
C GLU G 166 42.02 -19.68 -18.45
N MET G 167 40.95 -20.47 -18.46
CA MET G 167 40.90 -21.70 -17.69
C MET G 167 40.44 -22.84 -18.58
N PRO G 168 40.96 -24.04 -18.37
CA PRO G 168 40.46 -25.21 -19.11
C PRO G 168 39.04 -25.53 -18.69
N PRO G 169 38.27 -26.23 -19.54
CA PRO G 169 36.86 -26.46 -19.23
C PRO G 169 36.63 -27.48 -18.14
N THR G 170 37.68 -28.08 -17.59
CA THR G 170 37.58 -28.96 -16.44
C THR G 170 37.93 -28.27 -15.14
N ASN G 171 38.35 -27.01 -15.20
CA ASN G 171 38.74 -26.26 -14.01
C ASN G 171 37.56 -26.17 -13.04
N PRO G 172 37.73 -26.56 -11.77
CA PRO G 172 36.60 -26.53 -10.83
C PRO G 172 35.96 -25.16 -10.67
N ILE G 173 36.75 -24.08 -10.72
CA ILE G 173 36.16 -22.74 -10.57
C ILE G 173 35.28 -22.41 -11.75
N ARG G 174 35.76 -22.71 -12.97
CA ARG G 174 34.95 -22.50 -14.16
C ARG G 174 33.69 -23.34 -14.12
N LEU G 175 33.79 -24.59 -13.64
CA LEU G 175 32.63 -25.47 -13.57
C LEU G 175 31.63 -24.98 -12.54
N GLY G 176 32.11 -24.60 -11.35
CA GLY G 176 31.21 -24.13 -10.32
C GLY G 176 30.52 -22.84 -10.70
N LEU G 177 31.24 -21.94 -11.38
CA LEU G 177 30.62 -20.73 -11.89
C LEU G 177 29.49 -21.06 -12.86
N ALA G 178 29.78 -21.90 -13.86
CA ALA G 178 28.76 -22.26 -14.85
C ALA G 178 27.55 -22.89 -14.18
N LEU G 179 27.77 -23.77 -13.20
CA LEU G 179 26.68 -24.36 -12.44
C LEU G 179 25.79 -23.27 -11.84
N ASN G 180 26.40 -22.37 -11.06
CA ASN G 180 25.62 -21.33 -10.40
C ASN G 180 24.98 -20.38 -11.40
N PHE G 181 25.67 -20.07 -12.50
CA PHE G 181 25.08 -19.20 -13.51
C PHE G 181 23.88 -19.87 -14.16
N SER G 182 23.95 -21.19 -14.37
CA SER G 182 22.79 -21.89 -14.93
C SER G 182 21.61 -21.85 -13.97
N VAL G 183 21.88 -22.08 -12.68
CA VAL G 183 20.82 -21.96 -11.68
C VAL G 183 20.20 -20.58 -11.72
N PHE G 184 21.03 -19.53 -11.86
CA PHE G 184 20.51 -18.17 -11.98
C PHE G 184 19.58 -18.04 -13.18
N HIS G 185 19.99 -18.57 -14.33
CA HIS G 185 19.15 -18.49 -15.52
C HIS G 185 17.80 -19.16 -15.28
N TYR G 186 17.81 -20.34 -14.65
CA TYR G 186 16.58 -21.10 -14.46
C TYR G 186 15.71 -20.47 -13.37
N GLU G 187 16.27 -20.28 -12.18
CA GLU G 187 15.48 -19.97 -11.00
C GLU G 187 15.16 -18.48 -10.88
N ILE G 188 16.08 -17.63 -11.29
CA ILE G 188 15.95 -16.18 -11.04
C ILE G 188 15.50 -15.44 -12.29
N ALA G 189 16.10 -15.74 -13.43
CA ALA G 189 15.83 -15.00 -14.65
C ALA G 189 14.71 -15.61 -15.48
N ASN G 190 14.09 -16.70 -15.01
CA ASN G 190 13.06 -17.40 -15.75
C ASN G 190 13.48 -17.61 -17.20
N SER G 191 14.58 -18.34 -17.36
CA SER G 191 15.18 -18.60 -18.67
C SER G 191 15.70 -20.03 -18.71
N PRO G 192 14.79 -21.01 -18.60
CA PRO G 192 15.24 -22.41 -18.54
C PRO G 192 15.97 -22.86 -19.79
N GLU G 193 15.69 -22.24 -20.94
CA GLU G 193 16.40 -22.58 -22.17
C GLU G 193 17.88 -22.26 -22.05
N GLU G 194 18.21 -21.02 -21.70
CA GLU G 194 19.60 -20.64 -21.46
C GLU G 194 20.22 -21.49 -20.36
N ALA G 195 19.43 -21.94 -19.38
CA ALA G 195 19.98 -22.71 -18.27
C ALA G 195 20.34 -24.12 -18.71
N ILE G 196 19.48 -24.75 -19.51
CA ILE G 196 19.79 -26.07 -20.06
C ILE G 196 21.01 -25.99 -20.96
N SER G 197 21.00 -25.00 -21.88
CA SER G 197 22.09 -24.87 -22.84
C SER G 197 23.43 -24.68 -22.15
N LEU G 198 23.47 -23.86 -21.10
CA LEU G 198 24.73 -23.59 -20.42
C LEU G 198 25.23 -24.84 -19.70
N ALA G 199 24.36 -25.51 -18.95
CA ALA G 199 24.77 -26.69 -18.21
C ALA G 199 25.15 -27.84 -19.14
N LYS G 200 24.52 -27.93 -20.31
CA LYS G 200 24.87 -28.96 -21.28
C LYS G 200 26.25 -28.72 -21.86
N THR G 201 26.47 -27.52 -22.42
CA THR G 201 27.79 -27.18 -22.94
C THR G 201 28.87 -27.40 -21.89
N THR G 202 28.59 -27.01 -20.65
CA THR G 202 29.59 -27.11 -19.59
C THR G 202 29.98 -28.55 -19.32
N PHE G 203 28.98 -29.43 -19.20
CA PHE G 203 29.28 -30.83 -18.90
C PHE G 203 29.97 -31.51 -20.07
N ASP G 204 29.48 -31.27 -21.29
CA ASP G 204 30.05 -31.92 -22.47
C ASP G 204 31.52 -31.57 -22.63
N GLU G 205 31.81 -30.27 -22.75
CA GLU G 205 33.19 -29.83 -22.95
C GLU G 205 34.09 -30.29 -21.80
N ALA G 206 33.52 -30.51 -20.62
CA ALA G 206 34.30 -31.05 -19.51
C ALA G 206 34.57 -32.53 -19.71
N MET G 207 33.52 -33.30 -20.01
CA MET G 207 33.70 -34.73 -20.25
C MET G 207 34.65 -34.98 -21.41
N ALA G 208 34.57 -34.16 -22.45
CA ALA G 208 35.47 -34.31 -23.60
C ALA G 208 36.94 -34.16 -23.21
N ASP G 209 37.23 -33.65 -22.03
CA ASP G 209 38.60 -33.39 -21.58
C ASP G 209 38.99 -34.19 -20.34
N LEU G 210 38.13 -35.12 -19.90
CA LEU G 210 38.33 -35.76 -18.60
C LEU G 210 39.58 -36.64 -18.58
N HIS G 211 39.89 -37.30 -19.70
CA HIS G 211 40.99 -38.26 -19.73
C HIS G 211 42.34 -37.61 -19.42
N THR G 212 42.43 -36.28 -19.53
CA THR G 212 43.70 -35.57 -19.37
C THR G 212 43.91 -35.06 -17.95
N LEU G 213 43.52 -35.82 -16.92
CA LEU G 213 43.56 -35.33 -15.55
C LEU G 213 44.29 -36.31 -14.64
N SER G 214 44.94 -35.76 -13.62
CA SER G 214 45.39 -36.56 -12.50
C SER G 214 44.18 -37.10 -11.74
N GLU G 215 44.43 -38.12 -10.92
CA GLU G 215 43.35 -38.72 -10.14
C GLU G 215 42.73 -37.71 -9.18
N ASP G 216 43.49 -36.70 -8.76
CA ASP G 216 42.94 -35.66 -7.90
C ASP G 216 42.10 -34.67 -8.69
N SER G 217 42.65 -34.12 -9.78
CA SER G 217 41.87 -33.23 -10.64
C SER G 217 40.60 -33.91 -11.14
N TYR G 218 40.65 -35.22 -11.36
CA TYR G 218 39.48 -35.93 -11.85
C TYR G 218 38.37 -35.95 -10.81
N LYS G 219 38.73 -36.12 -9.53
CA LYS G 219 37.74 -36.09 -8.47
C LYS G 219 37.07 -34.72 -8.37
N ASP G 220 37.88 -33.66 -8.27
CA ASP G 220 37.34 -32.32 -8.13
C ASP G 220 36.41 -31.96 -9.27
N SER G 221 36.78 -32.33 -10.50
CA SER G 221 35.98 -31.96 -11.66
C SER G 221 34.66 -32.72 -11.70
N THR G 222 34.69 -34.03 -11.41
CA THR G 222 33.48 -34.83 -11.50
C THR G 222 32.51 -34.54 -10.37
N LEU G 223 33.03 -34.13 -9.20
CA LEU G 223 32.15 -33.74 -8.10
C LEU G 223 31.18 -32.66 -8.54
N ILE G 224 31.68 -31.67 -9.30
CA ILE G 224 30.83 -30.59 -9.77
C ILE G 224 30.02 -31.01 -10.99
N MET G 225 30.65 -31.72 -11.93
CA MET G 225 29.92 -32.22 -13.09
C MET G 225 28.73 -33.08 -12.65
N GLN G 226 28.90 -33.84 -11.57
CA GLN G 226 27.78 -34.59 -11.03
C GLN G 226 26.63 -33.67 -10.67
N LEU G 227 26.92 -32.47 -10.17
CA LEU G 227 25.86 -31.53 -9.83
C LEU G 227 25.22 -30.95 -11.09
N LEU G 228 26.03 -30.64 -12.11
CA LEU G 228 25.45 -30.27 -13.39
C LEU G 228 24.52 -31.36 -13.92
N ARG G 229 24.92 -32.62 -13.75
CA ARG G 229 24.10 -33.73 -14.25
C ARG G 229 22.84 -33.88 -13.42
N ASP G 230 22.96 -33.82 -12.09
CA ASP G 230 21.77 -33.85 -11.24
C ASP G 230 20.74 -32.82 -11.70
N ASN G 231 21.20 -31.59 -11.97
CA ASN G 231 20.29 -30.53 -12.40
C ASN G 231 19.72 -30.82 -13.78
N LEU G 232 20.55 -31.26 -14.72
CA LEU G 232 20.07 -31.53 -16.07
C LEU G 232 18.96 -32.57 -16.04
N THR G 233 19.09 -33.59 -15.18
CA THR G 233 18.06 -34.60 -15.04
C THR G 233 16.73 -34.01 -14.58
N LEU G 234 16.74 -32.81 -14.00
CA LEU G 234 15.54 -32.17 -13.46
C LEU G 234 14.89 -31.19 -14.42
N TRP G 235 15.68 -30.45 -15.19
CA TRP G 235 15.16 -29.41 -16.07
C TRP G 235 14.66 -29.94 -17.41
N THR G 236 14.93 -31.21 -17.73
CA THR G 236 14.59 -31.76 -19.03
C THR G 236 13.42 -32.73 -18.95
N ARG H 4 14.87 -29.45 -5.78
CA ARG H 4 15.28 -28.13 -6.26
C ARG H 4 16.65 -28.23 -6.95
N HIS H 5 17.34 -27.09 -7.06
CA HIS H 5 18.57 -27.00 -7.82
C HIS H 5 19.79 -27.10 -6.92
N LYS H 6 20.80 -27.82 -7.38
CA LYS H 6 22.08 -27.86 -6.69
C LYS H 6 22.93 -26.70 -7.19
N SEP H 7 23.52 -25.97 -6.25
CA SEP H 7 24.52 -24.96 -6.59
CB SEP H 7 24.16 -23.60 -5.98
OG SEP H 7 24.06 -23.67 -4.57
C SEP H 7 25.87 -25.46 -6.09
O SEP H 7 25.95 -26.51 -5.46
P SEP H 7 23.71 -22.24 -3.92
O1P SEP H 7 24.80 -21.16 -4.36
O2P SEP H 7 22.25 -21.77 -4.42
O3P SEP H 7 23.67 -22.45 -2.34
HA SEP H 7 24.56 -24.86 -7.56
HB2 SEP H 7 23.33 -23.30 -6.35
HB3 SEP H 7 24.87 -22.96 -6.20
N ASP H 8 26.92 -24.72 -6.38
CA ASP H 8 28.27 -25.17 -6.06
C ASP H 8 28.39 -25.49 -4.57
N SER H 9 29.04 -26.60 -4.26
CA SER H 9 29.30 -27.00 -2.88
C SER H 9 30.47 -26.21 -2.33
I IOD I . -19.63 33.91 22.32
I IOD J . -5.57 8.84 -11.88
I IOD K . -26.20 4.39 3.63
I IOD L . -39.14 2.80 -23.41
I IOD M . -21.80 -4.60 5.22
C1 B3P N . -18.36 1.49 -1.88
C2 B3P N . -17.85 0.08 -2.33
C3 B3P N . -19.83 1.93 -2.17
N1 B3P N . -20.00 3.38 -1.98
C4 B3P N . -19.92 3.90 -0.57
C5 B3P N . -20.14 2.84 0.53
C6 B3P N . -18.57 4.63 -0.38
C7 B3P N . -21.03 4.93 -0.37
N2 B3P N . -17.96 -1.02 -1.26
C8 B3P N . -19.17 -1.94 -1.32
C9 B3P N . -20.40 -1.22 -0.70
C10 B3P N . -18.88 -3.21 -0.49
C11 B3P N . -19.51 -2.41 -2.76
O1 B3P N . -21.46 -2.13 -0.61
O2 B3P N . -19.13 -2.95 0.86
O3 B3P N . -19.92 -1.31 -3.54
O4 B3P N . -20.26 3.51 1.75
O5 B3P N . -17.51 3.72 -0.60
O6 B3P N . -22.22 4.23 0.00
H11 B3P N . -18.23 1.55 -0.91
H12 B3P N . -17.78 2.15 -2.28
H21 B3P N . -16.91 0.16 -2.58
H22 B3P N . -18.36 -0.21 -3.10
H31 B3P N . -20.06 1.70 -3.09
H32 B3P N . -20.42 1.46 -1.57
HN1 B3P N . -20.76 3.65 -2.36
H51 B3P N . -20.94 2.33 0.36
H52 B3P N . -19.37 2.24 0.56
H61 B3P N . -18.50 5.36 -1.00
H62 B3P N . -18.52 4.97 0.53
H71 B3P N . -20.79 5.55 0.33
H72 B3P N . -21.19 5.42 -1.19
HN2 B3P N . -17.20 -1.51 -1.26
H91 B3P N . -20.18 -0.89 0.18
H92 B3P N . -20.66 -0.48 -1.28
H101 B3P N . -17.95 -3.47 -0.60
H102 B3P N . -19.45 -3.94 -0.79
H111 B3P N . -18.73 -2.82 -3.17
H112 B3P N . -20.23 -3.06 -2.73
HO1 B3P N . -22.11 -1.77 -0.19
HO2 B3P N . -18.63 -3.43 1.35
HO3 B3P N . -20.60 -1.52 -4.00
HO4 B3P N . -20.27 2.95 2.39
HO5 B3P N . -16.86 3.92 -0.10
HO6 B3P N . -22.90 4.74 -0.11
I IOD O . 6.14 0.71 14.31
I IOD P . 26.66 2.94 -1.74
I IOD Q . 26.29 19.28 12.19
I IOD R . 38.76 -13.36 20.29
I IOD S . 21.71 -3.43 -7.77
I IOD T . 30.76 -37.16 -14.12
C1 B3P U . 15.42 -3.12 -0.08
C2 B3P U . 14.23 -3.51 0.87
C3 B3P U . 16.68 -3.95 0.26
N1 B3P U . 17.86 -3.35 -0.34
C4 B3P U . 18.90 -4.36 -0.69
C5 B3P U . 20.24 -3.64 -0.95
C6 B3P U . 19.10 -5.39 0.43
C7 B3P U . 18.47 -5.08 -1.98
N2 B3P U . 13.39 -2.29 1.14
C8 B3P U . 13.58 -1.74 2.54
C9 B3P U . 15.10 -1.52 2.86
C10 B3P U . 12.98 -2.71 3.59
C11 B3P U . 12.79 -0.40 2.54
O1 B3P U . 15.30 -0.29 3.53
O2 B3P U . 11.59 -2.63 3.49
O3 B3P U . 13.66 0.65 2.23
O4 B3P U . 21.18 -4.60 -1.39
O5 B3P U . 19.31 -4.69 1.64
O6 B3P U . 18.61 -4.15 -3.06
H11 B3P U . 15.16 -3.29 -1.00
H12 B3P U . 15.61 -2.18 0.03
H21 B3P U . 14.58 -3.86 1.70
H22 B3P U . 13.69 -4.20 0.44
H31 B3P U . 16.57 -4.85 -0.08
H32 B3P U . 16.79 -3.98 1.23
HN1 B3P U . 18.21 -2.75 0.23
H51 B3P U . 20.13 -2.96 -1.63
H52 B3P U . 20.55 -3.23 -0.13
H61 B3P U . 19.88 -5.95 0.24
H62 B3P U . 18.31 -5.95 0.52
H71 B3P U . 19.05 -5.84 -2.13
H72 B3P U . 17.55 -5.36 -1.91
HN2 B3P U . 13.58 -1.66 0.54
H91 B3P U . 15.42 -2.25 3.42
H92 B3P U . 15.61 -1.50 2.03
H101 B3P U . 13.27 -3.61 3.40
H102 B3P U . 13.27 -2.45 4.47
H111 B3P U . 12.09 -0.44 1.86
H112 B3P U . 12.40 -0.26 3.41
HO1 B3P U . 16.11 -0.24 3.80
HO2 B3P U . 11.32 -3.14 2.87
HO3 B3P U . 13.73 0.73 1.39
HO4 B3P U . 21.90 -4.21 -1.58
HO5 B3P U . 20.13 -4.47 1.70
HO6 B3P U . 19.34 -4.28 -3.46
#